data_8Y97
#
_entry.id   8Y97
#
_cell.length_a   52.465
_cell.length_b   180.934
_cell.length_c   183.306
_cell.angle_alpha   90.00
_cell.angle_beta   90.00
_cell.angle_gamma   90.00
#
_symmetry.space_group_name_H-M   'P 21 21 21'
#
loop_
_entity.id
_entity.type
_entity.pdbx_description
1 polymer 'DegT/DnrJ/EryC1/StrS family aminotransferase'
2 polymer 'DegT/DnrJ/EryC1/StrS aminotransferase'
3 non-polymer "4'-DEOXY-4'-AMINOPYRIDOXAL-5'-PHOSPHATE"
4 water water
#
loop_
_entity_poly.entity_id
_entity_poly.type
_entity_poly.pdbx_seq_one_letter_code
_entity_poly.pdbx_strand_id
1 'polypeptide(L)'
;MKTDFIMVPTAMPDEKMINYQLAIDGGEPVIPKANRKTIFPNIAKEDLFQMMISVQKPEEMVVSEFAEKYRQRVGAPYAI
PTASGTSSLHLALVGAGVKAGDEVIVPAFTFIATAQAIVAAKAIPVFADIDPQTYCLDPRQLDKKVTARTKAVMPVHVHG
LPADIDALASFCRQHQLALIEDASHAHSATLHGRYCGTFGDAAGQSLMADKNFPLGGEAGIAFFKERESYDRALAFLEES
GLDYRMSWVAAAFGISQLDRLDYYDEIRQRNAQRLIDELATTRLFTGPMIPAAAKHSFNMFRIKINTALPEFKDIPEYKL
KLALQQILNEEGVFAREWQNTLLPFHLPFQNKKGFGKGYPFFLGDSQEYKHEHFPNALQMLRSTLVLCRELRSPVEYEKL
HSYIITFKKVDKNIQRVAEIASQIDDVPPYEKDARLGHHHHHH
;
A,B
2 'polypeptide(L)'
;MGISKTSSDLSEQLFQVSFVLARVLTSGIIMSIEKNENELKGLENILKKTSSKQYAVTFNSISGAVIGSLWGQDIVYGEA
TNQQSLDEQQEKLFKWLGIGHSSLLPEPYTLHAINWGNISNLQKITHEEAHVTLLDFTKLGFGPCAVLLTNNETIYKKSE
RLKIFGAFDLRTMWTQRETEKEIKPGLQFNFRLSPLVGACIKMALIKMGLNKHHHHHH
;
C,D
#
loop_
_chem_comp.id
_chem_comp.type
_chem_comp.name
_chem_comp.formula
PMP non-polymer 4'-DEOXY-4'-AMINOPYRIDOXAL-5'-PHOSPHATE 'C8 H13 N2 O5 P'
#
# COMPACT_ATOMS: atom_id res chain seq x y z
N MET A 1 16.02 -1.43 -3.80
CA MET A 1 14.67 -2.03 -4.02
C MET A 1 14.00 -1.35 -5.21
N LYS A 2 13.44 -2.15 -6.11
CA LYS A 2 12.81 -1.64 -7.32
C LYS A 2 11.32 -1.47 -7.06
N THR A 3 10.86 -0.22 -7.00
CA THR A 3 9.50 0.11 -6.64
C THR A 3 8.97 1.19 -7.57
N ASP A 4 7.64 1.18 -7.77
CA ASP A 4 6.97 2.16 -8.62
C ASP A 4 6.53 3.37 -7.80
N PHE A 5 6.83 3.37 -6.49
CA PHE A 5 6.29 4.35 -5.57
C PHE A 5 6.69 5.76 -6.02
N ILE A 6 5.69 6.63 -6.13
CA ILE A 6 5.88 8.02 -6.53
C ILE A 6 6.30 8.82 -5.30
N MET A 7 7.42 9.56 -5.42
CA MET A 7 8.04 10.22 -4.29
C MET A 7 7.60 11.69 -4.19
N VAL A 8 7.05 12.25 -5.26
CA VAL A 8 6.64 13.65 -5.28
C VAL A 8 5.11 13.69 -5.24
N PRO A 9 4.50 14.35 -4.22
CA PRO A 9 3.04 14.50 -4.18
C PRO A 9 2.59 15.55 -5.18
N THR A 10 1.37 15.36 -5.72
CA THR A 10 0.80 16.31 -6.67
C THR A 10 0.33 17.53 -5.88
N ALA A 11 1.00 18.66 -6.10
CA ALA A 11 0.63 19.92 -5.47
C ALA A 11 -0.76 20.34 -5.96
N MET A 12 -1.49 21.05 -5.10
CA MET A 12 -2.75 21.66 -5.51
C MET A 12 -2.43 22.73 -6.55
N PRO A 13 -2.97 22.62 -7.78
CA PRO A 13 -2.64 23.59 -8.84
C PRO A 13 -3.35 24.91 -8.62
N ASP A 14 -2.70 26.01 -9.03
CA ASP A 14 -3.28 27.33 -8.92
C ASP A 14 -4.38 27.47 -9.98
N GLU A 15 -5.56 27.98 -9.56
CA GLU A 15 -6.70 28.16 -10.44
C GLU A 15 -6.38 29.23 -11.48
N LYS A 16 -5.31 30.00 -11.24
CA LYS A 16 -4.88 31.08 -12.10
C LYS A 16 -4.13 30.54 -13.32
N MET A 17 -3.87 29.23 -13.36
CA MET A 17 -3.14 28.62 -14.48
C MET A 17 -4.04 28.53 -15.71
N ILE A 18 -5.34 28.83 -15.56
CA ILE A 18 -6.24 28.91 -16.70
C ILE A 18 -5.81 30.05 -17.61
N ASN A 19 -5.19 31.09 -17.04
CA ASN A 19 -4.75 32.26 -17.78
C ASN A 19 -3.32 32.10 -18.28
N TYR A 20 -2.69 30.95 -18.00
CA TYR A 20 -1.27 30.75 -18.30
C TYR A 20 -1.09 30.51 -19.80
N GLN A 21 0.16 30.67 -20.26
CA GLN A 21 0.56 30.34 -21.60
C GLN A 21 0.53 28.81 -21.75
N LEU A 22 0.14 28.33 -22.94
CA LEU A 22 0.12 26.91 -23.24
C LEU A 22 1.53 26.34 -23.18
N ALA A 23 1.62 25.06 -22.79
CA ALA A 23 2.91 24.40 -22.57
C ALA A 23 3.59 24.12 -23.90
N ILE A 24 2.80 23.98 -24.97
CA ILE A 24 3.30 23.74 -26.31
C ILE A 24 4.02 24.98 -26.83
N ASP A 25 3.71 26.16 -26.28
CA ASP A 25 4.35 27.40 -26.68
C ASP A 25 5.27 27.93 -25.57
N GLY A 26 5.92 27.01 -24.85
CA GLY A 26 6.97 27.34 -23.90
C GLY A 26 6.43 27.86 -22.57
N GLY A 27 5.18 27.50 -22.26
CA GLY A 27 4.55 27.91 -21.01
C GLY A 27 4.73 26.85 -19.92
N GLU A 28 4.33 27.20 -18.69
CA GLU A 28 4.40 26.29 -17.56
C GLU A 28 3.25 25.28 -17.69
N PRO A 29 3.53 23.95 -17.72
CA PRO A 29 2.48 22.95 -17.84
C PRO A 29 1.66 22.86 -16.55
N VAL A 30 0.36 22.56 -16.69
CA VAL A 30 -0.54 22.46 -15.56
C VAL A 30 -0.04 21.37 -14.61
N ILE A 31 0.34 20.22 -15.18
CA ILE A 31 0.90 19.11 -14.43
C ILE A 31 2.40 19.09 -14.68
N PRO A 32 3.26 19.32 -13.65
CA PRO A 32 4.70 19.20 -13.81
C PRO A 32 5.10 17.78 -14.22
N LYS A 33 6.30 17.66 -14.80
CA LYS A 33 6.80 16.41 -15.34
C LYS A 33 6.76 15.31 -14.27
N ALA A 34 7.12 15.66 -13.03
CA ALA A 34 7.27 14.70 -11.95
C ALA A 34 5.91 14.11 -11.53
N ASN A 35 4.82 14.84 -11.80
CA ASN A 35 3.51 14.45 -11.32
C ASN A 35 2.68 13.78 -12.42
N ARG A 36 3.33 13.26 -13.46
CA ARG A 36 2.62 12.74 -14.62
C ARG A 36 2.45 11.23 -14.58
N LYS A 37 3.06 10.57 -13.58
CA LYS A 37 2.93 9.13 -13.45
C LYS A 37 1.70 8.80 -12.61
N THR A 38 1.07 7.66 -12.89
CA THR A 38 0.02 7.12 -12.04
C THR A 38 0.31 5.63 -11.79
N ILE A 39 -0.18 5.14 -10.65
CA ILE A 39 0.00 3.75 -10.26
C ILE A 39 -1.27 2.99 -10.63
N PHE A 40 -1.11 1.91 -11.40
CA PHE A 40 -2.20 0.98 -11.62
C PHE A 40 -1.62 -0.39 -11.99
N PRO A 41 -2.14 -1.50 -11.40
CA PRO A 41 -3.19 -1.44 -10.39
C PRO A 41 -2.69 -0.99 -9.01
N ASN A 42 -3.64 -0.85 -8.08
CA ASN A 42 -3.34 -0.38 -6.73
C ASN A 42 -2.83 -1.57 -5.91
N ILE A 43 -1.51 -1.77 -5.93
CA ILE A 43 -0.91 -2.92 -5.27
C ILE A 43 -0.60 -2.54 -3.83
N ALA A 44 -1.30 -3.19 -2.89
CA ALA A 44 -1.17 -2.91 -1.47
C ALA A 44 -0.60 -4.13 -0.76
N LYS A 45 -0.34 -3.96 0.55
CA LYS A 45 0.18 -5.02 1.40
C LYS A 45 -0.71 -6.25 1.33
N GLU A 46 -2.03 -6.02 1.26
CA GLU A 46 -3.02 -7.09 1.23
C GLU A 46 -2.73 -8.05 0.09
N ASP A 47 -2.27 -7.52 -1.05
CA ASP A 47 -2.08 -8.30 -2.26
C ASP A 47 -0.85 -9.19 -2.11
N LEU A 48 0.21 -8.68 -1.47
CA LEU A 48 1.41 -9.45 -1.20
C LEU A 48 1.09 -10.58 -0.22
N PHE A 49 0.33 -10.26 0.83
CA PHE A 49 -0.01 -11.23 1.86
C PHE A 49 -0.89 -12.31 1.27
N GLN A 50 -1.78 -11.93 0.34
CA GLN A 50 -2.71 -12.86 -0.29
C GLN A 50 -1.94 -13.93 -1.07
N MET A 51 -0.81 -13.55 -1.67
CA MET A 51 0.04 -14.49 -2.39
C MET A 51 0.59 -15.53 -1.42
N MET A 52 0.92 -15.10 -0.20
CA MET A 52 1.52 -15.97 0.79
C MET A 52 0.47 -16.93 1.36
N ILE A 53 -0.81 -16.51 1.32
CA ILE A 53 -1.91 -17.38 1.71
C ILE A 53 -2.15 -18.41 0.62
N SER A 54 -2.34 -17.93 -0.62
CA SER A 54 -2.83 -18.76 -1.71
C SER A 54 -1.81 -19.79 -2.16
N VAL A 55 -0.52 -19.47 -1.99
CA VAL A 55 0.57 -20.34 -2.44
C VAL A 55 0.51 -21.67 -1.70
N GLN A 56 -0.09 -21.69 -0.51
CA GLN A 56 -0.12 -22.86 0.35
C GLN A 56 -1.25 -23.80 -0.04
N LYS A 57 -2.20 -23.32 -0.85
CA LYS A 57 -3.36 -24.11 -1.23
C LYS A 57 -3.17 -24.69 -2.63
N PRO A 58 -3.89 -25.79 -2.99
CA PRO A 58 -3.86 -26.30 -4.36
C PRO A 58 -4.30 -25.22 -5.34
N GLU A 59 -3.59 -25.15 -6.48
CA GLU A 59 -3.78 -24.09 -7.45
C GLU A 59 -5.21 -24.07 -7.97
N GLU A 60 -5.80 -25.25 -8.20
CA GLU A 60 -7.14 -25.35 -8.75
C GLU A 60 -8.17 -24.84 -7.75
N MET A 61 -7.88 -25.00 -6.45
CA MET A 61 -8.75 -24.48 -5.40
C MET A 61 -8.71 -22.96 -5.35
N VAL A 62 -7.51 -22.38 -5.54
CA VAL A 62 -7.33 -20.93 -5.55
C VAL A 62 -8.17 -20.32 -6.67
N VAL A 63 -8.15 -20.98 -7.85
CA VAL A 63 -8.89 -20.52 -9.01
C VAL A 63 -10.39 -20.67 -8.75
N SER A 64 -10.79 -21.81 -8.18
CA SER A 64 -12.18 -22.05 -7.83
C SER A 64 -12.67 -21.02 -6.81
N GLU A 65 -11.85 -20.78 -5.78
CA GLU A 65 -12.16 -19.83 -4.73
C GLU A 65 -12.47 -18.46 -5.33
N PHE A 66 -11.62 -18.01 -6.27
CA PHE A 66 -11.80 -16.73 -6.91
C PHE A 66 -13.09 -16.71 -7.72
N ALA A 67 -13.26 -17.74 -8.58
CA ALA A 67 -14.38 -17.81 -9.49
C ALA A 67 -15.70 -17.63 -8.73
N GLU A 68 -15.86 -18.38 -7.64
CA GLU A 68 -17.06 -18.32 -6.80
C GLU A 68 -17.22 -16.92 -6.22
N LYS A 69 -16.13 -16.41 -5.61
CA LYS A 69 -16.15 -15.12 -4.93
C LYS A 69 -16.70 -14.05 -5.87
N TYR A 70 -16.10 -13.95 -7.06
CA TYR A 70 -16.45 -12.90 -8.01
C TYR A 70 -17.84 -13.14 -8.58
N ARG A 71 -18.19 -14.43 -8.78
CA ARG A 71 -19.48 -14.80 -9.34
C ARG A 71 -20.61 -14.29 -8.45
N GLN A 72 -20.51 -14.58 -7.15
CA GLN A 72 -21.52 -14.19 -6.18
C GLN A 72 -21.74 -12.67 -6.20
N ARG A 73 -20.65 -11.92 -6.31
N ARG A 73 -20.65 -11.91 -6.30
CA ARG A 73 -20.71 -10.47 -6.30
CA ARG A 73 -20.71 -10.47 -6.30
C ARG A 73 -21.43 -9.97 -7.56
C ARG A 73 -21.43 -9.97 -7.56
N VAL A 74 -21.06 -10.52 -8.72
CA VAL A 74 -21.62 -10.11 -10.00
C VAL A 74 -23.09 -10.50 -10.06
N GLY A 75 -23.42 -11.68 -9.52
CA GLY A 75 -24.78 -12.19 -9.51
C GLY A 75 -25.08 -13.02 -10.76
N ALA A 76 -24.07 -13.72 -11.27
CA ALA A 76 -24.22 -14.60 -12.42
C ALA A 76 -24.47 -16.02 -11.93
N PRO A 77 -25.47 -16.75 -12.49
CA PRO A 77 -25.75 -18.12 -12.06
C PRO A 77 -24.56 -19.08 -12.11
N TYR A 78 -23.79 -19.03 -13.22
CA TYR A 78 -22.66 -19.94 -13.42
C TYR A 78 -21.49 -19.15 -14.01
N ALA A 79 -20.27 -19.64 -13.77
CA ALA A 79 -19.06 -18.96 -14.22
C ALA A 79 -17.92 -19.95 -14.45
N ILE A 80 -17.10 -19.66 -15.47
CA ILE A 80 -15.88 -20.42 -15.75
C ILE A 80 -14.70 -19.45 -15.72
N PRO A 81 -13.66 -19.71 -14.89
CA PRO A 81 -12.44 -18.91 -14.92
C PRO A 81 -11.59 -19.32 -16.13
N THR A 82 -10.91 -18.35 -16.74
CA THR A 82 -10.12 -18.61 -17.94
C THR A 82 -8.87 -17.75 -17.96
N ALA A 83 -7.98 -18.04 -18.92
CA ALA A 83 -6.65 -17.45 -18.99
C ALA A 83 -6.71 -16.03 -19.54
N SER A 84 -7.84 -15.64 -20.14
CA SER A 84 -7.94 -14.37 -20.84
C SER A 84 -9.40 -14.00 -21.07
N GLY A 85 -9.62 -12.71 -21.37
CA GLY A 85 -10.92 -12.23 -21.79
C GLY A 85 -11.32 -12.80 -23.16
N THR A 86 -10.34 -12.95 -24.06
CA THR A 86 -10.58 -13.46 -25.40
C THR A 86 -11.17 -14.87 -25.30
N SER A 87 -10.58 -15.68 -24.43
CA SER A 87 -11.00 -17.07 -24.24
C SER A 87 -12.39 -17.13 -23.60
N SER A 88 -12.68 -16.19 -22.68
CA SER A 88 -13.98 -16.15 -22.02
C SER A 88 -15.09 -15.90 -23.03
N LEU A 89 -14.83 -14.95 -23.96
CA LEU A 89 -15.79 -14.60 -24.99
C LEU A 89 -16.00 -15.79 -25.93
N HIS A 90 -14.91 -16.49 -26.25
CA HIS A 90 -14.97 -17.69 -27.08
C HIS A 90 -15.87 -18.72 -26.41
N LEU A 91 -15.62 -18.97 -25.11
CA LEU A 91 -16.38 -19.94 -24.35
C LEU A 91 -17.82 -19.47 -24.16
N ALA A 92 -18.03 -18.15 -24.07
CA ALA A 92 -19.36 -17.59 -23.90
C ALA A 92 -20.20 -17.84 -25.14
N LEU A 93 -19.61 -17.58 -26.32
CA LEU A 93 -20.30 -17.73 -27.59
C LEU A 93 -20.70 -19.19 -27.79
N VAL A 94 -19.73 -20.10 -27.66
CA VAL A 94 -19.94 -21.52 -27.89
C VAL A 94 -20.97 -22.06 -26.89
N GLY A 95 -20.83 -21.64 -25.63
CA GLY A 95 -21.74 -22.05 -24.56
C GLY A 95 -23.19 -21.65 -24.85
N ALA A 96 -23.38 -20.49 -25.47
CA ALA A 96 -24.70 -19.97 -25.77
C ALA A 96 -25.28 -20.60 -27.05
N GLY A 97 -24.51 -21.49 -27.69
CA GLY A 97 -25.01 -22.32 -28.77
C GLY A 97 -24.61 -21.82 -30.15
N VAL A 98 -23.52 -21.06 -30.24
CA VAL A 98 -23.00 -20.58 -31.50
C VAL A 98 -22.17 -21.71 -32.12
N LYS A 99 -22.59 -22.15 -33.31
CA LYS A 99 -21.96 -23.24 -34.03
C LYS A 99 -21.20 -22.68 -35.22
N ALA A 100 -20.39 -23.53 -35.86
CA ALA A 100 -19.59 -23.13 -37.01
C ALA A 100 -20.49 -22.70 -38.16
N GLY A 101 -20.20 -21.53 -38.73
CA GLY A 101 -20.94 -21.02 -39.88
C GLY A 101 -21.93 -19.92 -39.50
N ASP A 102 -22.32 -19.90 -38.21
CA ASP A 102 -23.28 -18.92 -37.71
C ASP A 102 -22.70 -17.51 -37.87
N GLU A 103 -23.60 -16.53 -38.01
CA GLU A 103 -23.23 -15.13 -38.06
C GLU A 103 -23.49 -14.50 -36.70
N VAL A 104 -22.61 -13.57 -36.30
CA VAL A 104 -22.72 -12.87 -35.03
C VAL A 104 -22.61 -11.37 -35.30
N ILE A 105 -23.60 -10.61 -34.82
CA ILE A 105 -23.61 -9.17 -34.99
C ILE A 105 -22.70 -8.56 -33.93
N VAL A 106 -21.75 -7.73 -34.37
CA VAL A 106 -20.82 -7.05 -33.46
C VAL A 106 -20.65 -5.60 -33.91
N PRO A 107 -20.26 -4.69 -33.00
CA PRO A 107 -19.91 -3.33 -33.40
C PRO A 107 -18.58 -3.30 -34.15
N ALA A 108 -18.48 -2.37 -35.12
CA ALA A 108 -17.27 -2.18 -35.88
C ALA A 108 -16.17 -1.62 -34.98
N PHE A 109 -16.57 -0.85 -33.97
CA PHE A 109 -15.65 -0.27 -33.01
C PHE A 109 -15.65 -1.11 -31.74
N THR A 110 -14.54 -1.82 -31.53
CA THR A 110 -14.21 -2.49 -30.28
C THR A 110 -12.78 -3.00 -30.41
N PHE A 111 -12.29 -3.70 -29.38
CA PHE A 111 -10.96 -4.29 -29.44
C PHE A 111 -11.03 -5.53 -30.32
N ILE A 112 -9.92 -5.82 -31.01
CA ILE A 112 -9.82 -6.90 -31.98
C ILE A 112 -10.33 -8.21 -31.35
N ALA A 113 -10.03 -8.41 -30.06
CA ALA A 113 -10.29 -9.66 -29.36
C ALA A 113 -11.77 -10.03 -29.36
N THR A 114 -12.66 -9.02 -29.43
CA THR A 114 -14.10 -9.28 -29.47
C THR A 114 -14.40 -10.15 -30.69
N ALA A 115 -13.94 -9.69 -31.87
CA ALA A 115 -14.22 -10.34 -33.13
C ALA A 115 -13.42 -11.64 -33.25
N GLN A 116 -12.21 -11.67 -32.70
CA GLN A 116 -11.35 -12.84 -32.77
C GLN A 116 -11.90 -13.96 -31.88
N ALA A 117 -12.82 -13.61 -30.97
CA ALA A 117 -13.55 -14.61 -30.20
C ALA A 117 -14.61 -15.26 -31.09
N ILE A 118 -15.27 -14.45 -31.92
CA ILE A 118 -16.28 -14.93 -32.85
C ILE A 118 -15.63 -15.89 -33.86
N VAL A 119 -14.48 -15.50 -34.40
CA VAL A 119 -13.77 -16.29 -35.40
C VAL A 119 -13.26 -17.57 -34.74
N ALA A 120 -12.85 -17.48 -33.46
CA ALA A 120 -12.41 -18.66 -32.72
C ALA A 120 -13.55 -19.65 -32.54
N ALA A 121 -14.79 -19.13 -32.48
CA ALA A 121 -15.98 -19.97 -32.39
C ALA A 121 -16.39 -20.47 -33.77
N LYS A 122 -15.60 -20.14 -34.80
CA LYS A 122 -15.81 -20.58 -36.17
C LYS A 122 -17.06 -19.91 -36.75
N ALA A 123 -17.36 -18.70 -36.24
CA ALA A 123 -18.51 -17.92 -36.67
C ALA A 123 -18.03 -16.69 -37.43
N ILE A 124 -18.96 -16.04 -38.13
CA ILE A 124 -18.63 -14.92 -39.02
C ILE A 124 -19.11 -13.61 -38.39
N PRO A 125 -18.20 -12.67 -38.06
CA PRO A 125 -18.63 -11.37 -37.54
C PRO A 125 -19.33 -10.52 -38.60
N VAL A 126 -20.50 -9.99 -38.23
CA VAL A 126 -21.23 -9.04 -39.04
C VAL A 126 -21.13 -7.68 -38.37
N PHE A 127 -20.24 -6.82 -38.88
CA PHE A 127 -19.90 -5.56 -38.22
C PHE A 127 -21.02 -4.55 -38.44
N ALA A 128 -21.36 -3.83 -37.37
CA ALA A 128 -22.41 -2.81 -37.39
C ALA A 128 -21.86 -1.49 -36.85
N ASP A 129 -22.59 -0.41 -37.12
CA ASP A 129 -22.19 0.93 -36.70
C ASP A 129 -22.65 1.15 -35.26
N ILE A 130 -22.20 2.26 -34.66
CA ILE A 130 -22.44 2.55 -33.26
C ILE A 130 -23.23 3.85 -33.14
N ASP A 131 -23.90 4.01 -31.98
CA ASP A 131 -24.53 5.26 -31.61
C ASP A 131 -23.43 6.31 -31.41
N PRO A 132 -23.62 7.57 -31.88
CA PRO A 132 -22.55 8.56 -31.83
C PRO A 132 -22.24 9.17 -30.47
N GLN A 133 -23.00 8.78 -29.44
CA GLN A 133 -22.86 9.34 -28.10
C GLN A 133 -22.45 8.26 -27.09
N THR A 134 -23.14 7.11 -27.12
CA THR A 134 -22.83 5.99 -26.23
C THR A 134 -21.59 5.26 -26.73
N TYR A 135 -21.45 5.21 -28.06
CA TYR A 135 -20.33 4.56 -28.75
C TYR A 135 -20.51 3.04 -28.72
N CYS A 136 -21.72 2.57 -28.38
CA CYS A 136 -22.02 1.16 -28.33
C CYS A 136 -22.82 0.76 -29.58
N LEU A 137 -22.94 -0.56 -29.78
CA LEU A 137 -23.70 -1.13 -30.89
C LEU A 137 -25.04 -0.40 -31.02
N ASP A 138 -25.29 0.15 -32.23
CA ASP A 138 -26.50 0.91 -32.50
C ASP A 138 -27.64 -0.05 -32.80
N PRO A 139 -28.72 -0.09 -31.99
CA PRO A 139 -29.86 -0.98 -32.26
C PRO A 139 -30.70 -0.61 -33.47
N ARG A 140 -30.59 0.64 -33.94
CA ARG A 140 -31.34 1.11 -35.11
C ARG A 140 -30.84 0.45 -36.38
N GLN A 141 -29.50 0.39 -36.52
CA GLN A 141 -28.86 -0.17 -37.70
C GLN A 141 -28.57 -1.65 -37.43
N LEU A 142 -29.63 -2.45 -37.33
CA LEU A 142 -29.52 -3.86 -36.98
C LEU A 142 -30.53 -4.71 -37.76
N ASP A 143 -31.59 -4.09 -38.29
CA ASP A 143 -32.49 -4.78 -39.22
C ASP A 143 -31.71 -5.27 -40.43
N LYS A 144 -30.83 -4.42 -40.96
CA LYS A 144 -30.14 -4.67 -42.21
C LYS A 144 -28.98 -5.65 -42.05
N LYS A 145 -28.88 -6.32 -40.90
CA LYS A 145 -27.75 -7.21 -40.63
C LYS A 145 -28.20 -8.67 -40.56
N VAL A 146 -29.52 -8.91 -40.41
CA VAL A 146 -30.04 -10.21 -40.06
C VAL A 146 -30.14 -11.08 -41.32
N THR A 147 -29.73 -12.34 -41.18
CA THR A 147 -29.86 -13.34 -42.24
C THR A 147 -30.38 -14.63 -41.60
N ALA A 148 -30.41 -15.71 -42.39
CA ALA A 148 -30.78 -17.02 -41.89
C ALA A 148 -29.66 -17.61 -41.04
N ARG A 149 -28.45 -17.07 -41.19
CA ARG A 149 -27.25 -17.58 -40.52
C ARG A 149 -27.13 -16.93 -39.13
N THR A 150 -27.62 -15.69 -38.99
CA THR A 150 -27.48 -14.91 -37.78
C THR A 150 -27.98 -15.71 -36.58
N LYS A 151 -27.10 -15.93 -35.60
CA LYS A 151 -27.41 -16.73 -34.42
C LYS A 151 -27.44 -15.84 -33.17
N ALA A 152 -26.56 -14.84 -33.09
CA ALA A 152 -26.38 -14.10 -31.86
C ALA A 152 -26.01 -12.64 -32.12
N VAL A 153 -26.29 -11.79 -31.13
CA VAL A 153 -25.86 -10.40 -31.10
C VAL A 153 -24.90 -10.24 -29.94
N MET A 154 -23.75 -9.59 -30.20
CA MET A 154 -22.68 -9.48 -29.23
C MET A 154 -22.36 -8.01 -28.99
N PRO A 155 -23.11 -7.31 -28.12
CA PRO A 155 -22.82 -5.91 -27.80
C PRO A 155 -21.62 -5.77 -26.85
N VAL A 156 -20.91 -4.64 -26.99
CA VAL A 156 -19.75 -4.35 -26.15
C VAL A 156 -20.10 -3.17 -25.25
N HIS A 157 -19.92 -3.37 -23.94
CA HIS A 157 -20.04 -2.31 -22.95
C HIS A 157 -18.76 -1.48 -22.98
N VAL A 158 -18.55 -0.76 -24.08
CA VAL A 158 -17.24 -0.18 -24.38
C VAL A 158 -17.02 1.04 -23.50
N HIS A 159 -15.78 1.19 -23.02
CA HIS A 159 -15.38 2.25 -22.09
C HIS A 159 -15.80 1.93 -20.66
N GLY A 160 -16.81 1.06 -20.50
CA GLY A 160 -17.40 0.79 -19.19
C GLY A 160 -18.89 1.14 -19.16
N LEU A 161 -19.37 1.85 -20.20
CA LEU A 161 -20.76 2.24 -20.31
C LEU A 161 -21.59 1.03 -20.74
N PRO A 162 -22.62 0.62 -19.96
CA PRO A 162 -23.52 -0.45 -20.38
C PRO A 162 -24.22 -0.08 -21.69
N ALA A 163 -24.23 -1.03 -22.63
CA ALA A 163 -24.85 -0.83 -23.93
C ALA A 163 -26.37 -0.93 -23.78
N ASP A 164 -27.07 -0.63 -24.87
CA ASP A 164 -28.53 -0.55 -24.88
C ASP A 164 -29.11 -1.97 -24.83
N ILE A 165 -29.04 -2.60 -23.65
CA ILE A 165 -29.49 -3.96 -23.44
C ILE A 165 -30.99 -4.06 -23.75
N ASP A 166 -31.77 -3.11 -23.22
CA ASP A 166 -33.22 -3.17 -23.33
C ASP A 166 -33.63 -3.27 -24.80
N ALA A 167 -32.98 -2.49 -25.66
CA ALA A 167 -33.29 -2.47 -27.08
C ALA A 167 -32.76 -3.72 -27.78
N LEU A 168 -31.53 -4.12 -27.44
CA LEU A 168 -30.87 -5.25 -28.09
C LEU A 168 -31.49 -6.56 -27.63
N ALA A 169 -32.02 -6.61 -26.41
CA ALA A 169 -32.68 -7.78 -25.88
C ALA A 169 -34.00 -8.02 -26.61
N SER A 170 -34.71 -6.93 -26.95
CA SER A 170 -35.96 -7.03 -27.68
C SER A 170 -35.71 -7.57 -29.08
N PHE A 171 -34.63 -7.09 -29.72
CA PHE A 171 -34.25 -7.52 -31.05
C PHE A 171 -33.90 -9.01 -31.04
N CYS A 172 -33.27 -9.47 -29.95
CA CYS A 172 -32.82 -10.84 -29.85
C CYS A 172 -34.00 -11.80 -29.70
N ARG A 173 -34.93 -11.48 -28.79
CA ARG A 173 -36.10 -12.33 -28.55
C ARG A 173 -36.98 -12.33 -29.80
N GLN A 174 -37.02 -11.21 -30.52
CA GLN A 174 -37.83 -11.08 -31.72
C GLN A 174 -37.32 -12.02 -32.81
N HIS A 175 -35.99 -12.05 -33.01
CA HIS A 175 -35.38 -12.85 -34.07
C HIS A 175 -34.84 -14.17 -33.52
N GLN A 176 -35.25 -14.55 -32.30
CA GLN A 176 -34.81 -15.77 -31.64
C GLN A 176 -33.28 -15.87 -31.70
N LEU A 177 -32.58 -14.80 -31.31
CA LEU A 177 -31.13 -14.76 -31.27
C LEU A 177 -30.65 -14.78 -29.83
N ALA A 178 -29.40 -15.19 -29.62
CA ALA A 178 -28.79 -15.19 -28.31
C ALA A 178 -27.99 -13.90 -28.10
N LEU A 179 -27.93 -13.43 -26.86
CA LEU A 179 -27.22 -12.19 -26.54
C LEU A 179 -25.97 -12.50 -25.73
N ILE A 180 -24.81 -12.07 -26.24
CA ILE A 180 -23.52 -12.34 -25.63
C ILE A 180 -22.84 -11.01 -25.33
N GLU A 181 -22.64 -10.70 -24.04
CA GLU A 181 -22.04 -9.43 -23.64
C GLU A 181 -20.52 -9.54 -23.68
N ASP A 182 -19.88 -8.44 -24.06
CA ASP A 182 -18.46 -8.23 -23.82
C ASP A 182 -18.32 -7.18 -22.72
N ALA A 183 -18.08 -7.65 -21.49
CA ALA A 183 -18.06 -6.80 -20.32
C ALA A 183 -16.62 -6.53 -19.87
N SER A 184 -15.68 -6.55 -20.84
CA SER A 184 -14.26 -6.48 -20.53
C SER A 184 -13.88 -5.09 -20.04
N HIS A 185 -14.76 -4.10 -20.20
CA HIS A 185 -14.54 -2.77 -19.65
C HIS A 185 -15.50 -2.46 -18.51
N ALA A 186 -16.59 -3.25 -18.40
CA ALA A 186 -17.72 -2.89 -17.57
C ALA A 186 -17.69 -3.67 -16.26
N HIS A 187 -16.55 -3.62 -15.56
CA HIS A 187 -16.47 -4.13 -14.21
C HIS A 187 -17.20 -3.16 -13.30
N SER A 188 -18.28 -3.64 -12.67
CA SER A 188 -19.05 -2.90 -11.68
C SER A 188 -20.05 -1.96 -12.34
N ALA A 189 -20.08 -1.89 -13.68
CA ALA A 189 -21.06 -1.09 -14.39
C ALA A 189 -22.42 -1.78 -14.29
N THR A 190 -23.48 -0.98 -14.15
CA THR A 190 -24.82 -1.53 -13.88
C THR A 190 -25.84 -0.90 -14.82
N LEU A 191 -26.93 -1.64 -15.04
CA LEU A 191 -28.12 -1.15 -15.72
C LEU A 191 -29.34 -1.62 -14.93
N HIS A 192 -30.16 -0.66 -14.47
CA HIS A 192 -31.27 -0.93 -13.57
C HIS A 192 -30.80 -1.63 -12.30
N GLY A 193 -29.60 -1.26 -11.84
CA GLY A 193 -29.04 -1.78 -10.60
C GLY A 193 -28.55 -3.22 -10.71
N ARG A 194 -28.30 -3.69 -11.94
CA ARG A 194 -27.79 -5.03 -12.18
C ARG A 194 -26.46 -4.92 -12.92
N TYR A 195 -25.46 -5.72 -12.48
CA TYR A 195 -24.12 -5.66 -13.03
C TYR A 195 -24.11 -6.20 -14.46
N CYS A 196 -23.26 -5.59 -15.30
CA CYS A 196 -23.00 -6.10 -16.63
C CYS A 196 -22.40 -7.50 -16.55
N GLY A 197 -22.93 -8.42 -17.36
CA GLY A 197 -22.50 -9.81 -17.37
C GLY A 197 -23.62 -10.77 -16.99
N THR A 198 -24.77 -10.22 -16.55
CA THR A 198 -25.89 -11.01 -16.10
C THR A 198 -27.05 -10.95 -17.08
N PHE A 199 -27.00 -10.00 -18.04
CA PHE A 199 -28.13 -9.74 -18.93
C PHE A 199 -28.22 -10.82 -20.00
N GLY A 200 -27.10 -11.07 -20.69
CA GLY A 200 -27.08 -11.97 -21.83
C GLY A 200 -27.18 -13.44 -21.41
N ASP A 201 -27.43 -14.31 -22.40
CA ASP A 201 -27.47 -15.74 -22.21
C ASP A 201 -26.09 -16.22 -21.74
N ALA A 202 -25.05 -15.56 -22.25
CA ALA A 202 -23.70 -15.71 -21.73
C ALA A 202 -22.96 -14.38 -21.88
N ALA A 203 -21.76 -14.30 -21.29
CA ALA A 203 -20.95 -13.10 -21.37
C ALA A 203 -19.49 -13.44 -21.07
N GLY A 204 -18.58 -12.67 -21.70
CA GLY A 204 -17.15 -12.77 -21.43
C GLY A 204 -16.63 -11.46 -20.83
N GLN A 205 -15.55 -11.57 -20.05
CA GLN A 205 -15.01 -10.43 -19.33
C GLN A 205 -13.52 -10.62 -19.08
N SER A 206 -12.72 -9.72 -19.66
CA SER A 206 -11.30 -9.63 -19.35
C SER A 206 -11.11 -9.29 -17.88
N LEU A 207 -10.14 -9.96 -17.24
CA LEU A 207 -9.74 -9.65 -15.88
C LEU A 207 -8.25 -9.31 -15.89
N MET A 208 -7.81 -8.64 -16.96
CA MET A 208 -6.41 -8.32 -17.14
C MET A 208 -6.03 -7.18 -16.20
N ALA A 209 -4.73 -6.96 -16.00
CA ALA A 209 -4.23 -6.02 -15.00
C ALA A 209 -4.47 -4.57 -15.41
N ASP A 210 -5.01 -4.35 -16.62
CA ASP A 210 -5.29 -3.00 -17.10
C ASP A 210 -6.79 -2.70 -17.00
N LYS A 211 -7.53 -3.53 -16.26
CA LYS A 211 -8.96 -3.35 -16.08
C LYS A 211 -9.26 -2.87 -14.66
N ASN A 212 -10.42 -2.22 -14.51
CA ASN A 212 -10.82 -1.59 -13.26
C ASN A 212 -10.73 -2.60 -12.11
N PHE A 213 -11.18 -3.83 -12.36
CA PHE A 213 -10.96 -4.95 -11.46
C PHE A 213 -9.84 -5.82 -12.04
N PRO A 214 -8.58 -5.65 -11.58
CA PRO A 214 -7.44 -6.36 -12.16
C PRO A 214 -7.04 -7.64 -11.41
N LEU A 215 -6.65 -8.67 -12.18
CA LEU A 215 -5.98 -9.83 -11.65
C LEU A 215 -4.48 -9.72 -11.97
N GLY A 216 -3.69 -10.69 -11.51
CA GLY A 216 -2.25 -10.60 -11.52
C GLY A 216 -1.65 -10.95 -12.89
N GLY A 217 -1.96 -10.12 -13.88
CA GLY A 217 -1.48 -10.31 -15.24
C GLY A 217 -2.64 -10.59 -16.20
N GLU A 218 -2.58 -11.74 -16.87
CA GLU A 218 -3.59 -12.14 -17.84
C GLU A 218 -4.61 -13.04 -17.16
N ALA A 219 -5.89 -12.80 -17.44
CA ALA A 219 -6.98 -13.58 -16.88
C ALA A 219 -8.31 -13.10 -17.45
N GLY A 220 -9.36 -13.92 -17.29
CA GLY A 220 -10.71 -13.57 -17.69
C GLY A 220 -11.72 -14.50 -17.05
N ILE A 221 -13.01 -14.25 -17.32
CA ILE A 221 -14.08 -15.06 -16.76
C ILE A 221 -15.27 -15.03 -17.70
N ALA A 222 -15.93 -16.19 -17.84
CA ALA A 222 -17.13 -16.33 -18.64
C ALA A 222 -18.32 -16.56 -17.73
N PHE A 223 -19.42 -15.83 -18.00
CA PHE A 223 -20.66 -15.96 -17.25
C PHE A 223 -21.72 -16.57 -18.16
N PHE A 224 -22.58 -17.42 -17.58
CA PHE A 224 -23.67 -18.06 -18.31
C PHE A 224 -24.94 -17.97 -17.48
N LYS A 225 -26.09 -17.77 -18.15
CA LYS A 225 -27.37 -17.65 -17.47
C LYS A 225 -27.90 -19.03 -17.10
N GLU A 226 -28.01 -19.92 -18.10
CA GLU A 226 -28.54 -21.26 -17.92
C GLU A 226 -27.40 -22.28 -17.80
N ARG A 227 -27.67 -23.40 -17.12
CA ARG A 227 -26.68 -24.43 -16.86
C ARG A 227 -26.35 -25.20 -18.14
N GLU A 228 -27.32 -25.30 -19.05
CA GLU A 228 -27.10 -26.01 -20.30
C GLU A 228 -25.98 -25.32 -21.08
N SER A 229 -25.89 -23.98 -20.98
CA SER A 229 -24.85 -23.22 -21.65
C SER A 229 -23.50 -23.50 -21.00
N TYR A 230 -23.47 -23.45 -19.67
CA TYR A 230 -22.26 -23.70 -18.88
C TYR A 230 -21.70 -25.08 -19.20
N ASP A 231 -22.59 -26.06 -19.37
CA ASP A 231 -22.20 -27.45 -19.61
C ASP A 231 -21.63 -27.61 -21.02
N ARG A 232 -22.24 -26.92 -21.98
CA ARG A 232 -21.80 -26.99 -23.37
C ARG A 232 -20.39 -26.41 -23.50
N ALA A 233 -20.14 -25.29 -22.81
CA ALA A 233 -18.84 -24.65 -22.82
C ALA A 233 -17.79 -25.56 -22.20
N LEU A 234 -18.16 -26.26 -21.11
CA LEU A 234 -17.29 -27.22 -20.48
C LEU A 234 -17.04 -28.40 -21.43
N ALA A 235 -18.10 -28.83 -22.13
CA ALA A 235 -18.01 -29.95 -23.06
C ALA A 235 -17.12 -29.59 -24.25
N PHE A 236 -17.14 -28.30 -24.64
CA PHE A 236 -16.30 -27.82 -25.73
C PHE A 236 -14.83 -27.95 -25.35
N LEU A 237 -14.48 -27.60 -24.11
CA LEU A 237 -13.11 -27.67 -23.63
C LEU A 237 -12.61 -29.12 -23.68
N GLU A 238 -13.52 -30.07 -23.37
CA GLU A 238 -13.20 -31.48 -23.41
C GLU A 238 -12.91 -31.90 -24.86
N GLU A 239 -13.78 -31.47 -25.78
CA GLU A 239 -13.71 -31.90 -27.17
C GLU A 239 -12.60 -31.17 -27.93
N SER A 240 -12.52 -29.84 -27.73
CA SER A 240 -11.60 -28.98 -28.46
C SER A 240 -10.15 -29.32 -28.12
N GLY A 241 -9.91 -29.67 -26.85
CA GLY A 241 -8.56 -29.94 -26.37
C GLY A 241 -7.80 -28.65 -26.05
N LEU A 242 -8.52 -27.53 -26.00
CA LEU A 242 -7.94 -26.24 -25.68
C LEU A 242 -7.74 -26.14 -24.16
N ASP A 243 -6.58 -25.62 -23.77
CA ASP A 243 -6.27 -25.34 -22.37
C ASP A 243 -6.42 -23.85 -22.14
N TYR A 244 -7.58 -23.44 -21.60
CA TYR A 244 -7.89 -22.04 -21.33
C TYR A 244 -7.93 -21.80 -19.81
N ARG A 245 -7.11 -22.53 -19.05
CA ARG A 245 -7.19 -22.47 -17.60
C ARG A 245 -6.47 -21.23 -17.06
N MET A 246 -6.95 -20.76 -15.90
CA MET A 246 -6.41 -19.56 -15.26
C MET A 246 -5.24 -19.94 -14.35
N SER A 247 -4.34 -18.98 -14.14
CA SER A 247 -3.24 -19.13 -13.20
C SER A 247 -3.72 -18.78 -11.79
N TRP A 248 -3.32 -19.58 -10.81
CA TRP A 248 -3.65 -19.30 -9.41
C TRP A 248 -3.04 -17.96 -9.01
N VAL A 249 -1.83 -17.69 -9.49
CA VAL A 249 -1.14 -16.45 -9.20
C VAL A 249 -2.03 -15.28 -9.60
N ALA A 250 -2.62 -15.36 -10.79
CA ALA A 250 -3.50 -14.33 -11.30
C ALA A 250 -4.76 -14.22 -10.44
N ALA A 251 -5.32 -15.39 -10.09
CA ALA A 251 -6.55 -15.46 -9.31
C ALA A 251 -6.33 -14.88 -7.92
N ALA A 252 -5.19 -15.22 -7.30
CA ALA A 252 -4.85 -14.76 -5.96
C ALA A 252 -4.95 -13.24 -5.88
N PHE A 253 -4.40 -12.56 -6.88
CA PHE A 253 -4.42 -11.10 -6.93
C PHE A 253 -5.87 -10.61 -6.99
N GLY A 254 -6.71 -11.35 -7.73
CA GLY A 254 -8.12 -11.02 -7.84
C GLY A 254 -8.84 -11.11 -6.49
N ILE A 255 -8.51 -12.15 -5.72
CA ILE A 255 -9.18 -12.42 -4.45
C ILE A 255 -9.01 -11.22 -3.52
N SER A 256 -7.77 -10.72 -3.40
CA SER A 256 -7.47 -9.61 -2.52
C SER A 256 -8.02 -8.30 -3.09
N GLN A 257 -7.92 -8.14 -4.42
CA GLN A 257 -8.36 -6.93 -5.10
C GLN A 257 -9.87 -6.74 -4.93
N LEU A 258 -10.63 -7.84 -4.92
CA LEU A 258 -12.08 -7.79 -4.87
C LEU A 258 -12.56 -7.23 -3.53
N ASP A 259 -11.77 -7.47 -2.47
CA ASP A 259 -12.10 -6.99 -1.14
C ASP A 259 -12.08 -5.46 -1.10
N ARG A 260 -11.33 -4.82 -2.02
CA ARG A 260 -11.16 -3.38 -1.98
C ARG A 260 -11.71 -2.71 -3.25
N LEU A 261 -12.50 -3.44 -4.04
CA LEU A 261 -12.93 -2.95 -5.34
C LEU A 261 -13.89 -1.76 -5.16
N ASP A 262 -14.87 -1.92 -4.26
CA ASP A 262 -15.92 -0.93 -4.07
C ASP A 262 -15.32 0.42 -3.66
N TYR A 263 -14.26 0.37 -2.85
CA TYR A 263 -13.57 1.58 -2.42
C TYR A 263 -13.06 2.33 -3.65
N TYR A 264 -12.29 1.63 -4.49
CA TYR A 264 -11.67 2.22 -5.67
C TYR A 264 -12.76 2.73 -6.63
N ASP A 265 -13.82 1.94 -6.81
CA ASP A 265 -14.91 2.27 -7.73
C ASP A 265 -15.55 3.61 -7.34
N GLU A 266 -15.68 3.84 -6.02
CA GLU A 266 -16.34 5.03 -5.51
C GLU A 266 -15.55 6.28 -5.89
N ILE A 267 -14.22 6.23 -5.69
CA ILE A 267 -13.36 7.34 -6.08
C ILE A 267 -13.46 7.54 -7.59
N ARG A 268 -13.51 6.41 -8.32
CA ARG A 268 -13.55 6.43 -9.78
C ARG A 268 -14.81 7.14 -10.26
N GLN A 269 -15.95 6.84 -9.62
CA GLN A 269 -17.24 7.42 -9.95
C GLN A 269 -17.25 8.93 -9.68
N ARG A 270 -16.84 9.33 -8.48
CA ARG A 270 -16.91 10.72 -8.06
C ARG A 270 -15.96 11.58 -8.89
N ASN A 271 -14.79 11.02 -9.22
CA ASN A 271 -13.81 11.72 -10.03
C ASN A 271 -14.37 11.99 -11.43
N ALA A 272 -14.95 10.94 -12.03
CA ALA A 272 -15.46 11.03 -13.39
C ALA A 272 -16.64 12.00 -13.46
N GLN A 273 -17.56 11.89 -12.49
CA GLN A 273 -18.78 12.68 -12.49
C GLN A 273 -18.44 14.16 -12.36
N ARG A 274 -17.42 14.46 -11.54
CA ARG A 274 -16.97 15.83 -11.35
C ARG A 274 -16.42 16.38 -12.67
N LEU A 275 -15.67 15.54 -13.40
CA LEU A 275 -15.03 15.96 -14.64
C LEU A 275 -16.08 16.19 -15.72
N ILE A 276 -17.10 15.34 -15.77
CA ILE A 276 -18.22 15.54 -16.67
C ILE A 276 -18.82 16.92 -16.44
N ASP A 277 -19.21 17.18 -15.18
CA ASP A 277 -19.87 18.41 -14.77
C ASP A 277 -19.03 19.64 -15.17
N GLU A 278 -17.71 19.53 -15.01
CA GLU A 278 -16.82 20.64 -15.28
C GLU A 278 -16.64 20.84 -16.78
N LEU A 279 -16.63 19.74 -17.54
CA LEU A 279 -16.47 19.81 -18.99
C LEU A 279 -17.77 20.31 -19.63
N ALA A 280 -18.88 20.21 -18.90
CA ALA A 280 -20.16 20.73 -19.38
C ALA A 280 -20.12 22.26 -19.48
N THR A 281 -19.27 22.90 -18.67
CA THR A 281 -19.15 24.35 -18.65
C THR A 281 -18.24 24.83 -19.79
N THR A 282 -17.40 23.92 -20.32
CA THR A 282 -16.46 24.28 -21.37
C THR A 282 -17.16 24.29 -22.72
N ARG A 283 -16.69 25.16 -23.61
CA ARG A 283 -17.24 25.34 -24.94
C ARG A 283 -16.68 24.27 -25.88
N LEU A 284 -15.48 23.76 -25.56
CA LEU A 284 -14.71 22.94 -26.50
C LEU A 284 -14.87 21.45 -26.22
N PHE A 285 -15.16 21.08 -24.95
CA PHE A 285 -15.12 19.68 -24.53
C PHE A 285 -16.48 19.26 -23.98
N THR A 286 -16.74 17.94 -24.03
CA THR A 286 -17.92 17.33 -23.45
C THR A 286 -17.60 15.89 -23.05
N GLY A 287 -17.94 15.52 -21.81
CA GLY A 287 -17.69 14.19 -21.30
C GLY A 287 -18.70 13.18 -21.82
N PRO A 288 -18.55 11.89 -21.48
CA PRO A 288 -19.43 10.84 -21.98
C PRO A 288 -20.89 10.98 -21.54
N MET A 289 -21.81 10.71 -22.47
CA MET A 289 -23.24 10.70 -22.18
C MET A 289 -23.60 9.39 -21.49
N ILE A 290 -24.47 9.46 -20.48
CA ILE A 290 -24.83 8.30 -19.66
C ILE A 290 -26.35 8.26 -19.53
N PRO A 291 -27.04 7.20 -20.04
CA PRO A 291 -28.46 6.98 -19.73
C PRO A 291 -28.74 6.94 -18.23
N ALA A 292 -30.00 7.24 -17.86
CA ALA A 292 -30.39 7.40 -16.47
C ALA A 292 -30.21 6.10 -15.68
N ALA A 293 -30.57 4.97 -16.30
CA ALA A 293 -30.55 3.68 -15.63
C ALA A 293 -29.15 3.09 -15.57
N ALA A 294 -28.20 3.69 -16.31
CA ALA A 294 -26.88 3.12 -16.49
C ALA A 294 -25.90 3.74 -15.49
N LYS A 295 -24.88 2.95 -15.10
CA LYS A 295 -23.77 3.44 -14.30
C LYS A 295 -22.46 3.08 -15.02
N HIS A 296 -21.68 4.11 -15.33
CA HIS A 296 -20.46 4.00 -16.11
C HIS A 296 -19.32 3.58 -15.18
N SER A 297 -18.49 2.62 -15.61
CA SER A 297 -17.37 2.15 -14.81
C SER A 297 -16.15 3.05 -15.01
N PHE A 298 -16.12 3.74 -16.15
CA PHE A 298 -15.10 4.73 -16.48
C PHE A 298 -13.73 4.06 -16.55
N ASN A 299 -13.67 2.92 -17.25
CA ASN A 299 -12.42 2.29 -17.62
C ASN A 299 -11.68 3.23 -18.58
N MET A 300 -12.45 3.89 -19.44
CA MET A 300 -11.94 4.90 -20.35
C MET A 300 -12.93 6.06 -20.39
N PHE A 301 -12.39 7.28 -20.50
CA PHE A 301 -13.20 8.49 -20.51
C PHE A 301 -13.03 9.17 -21.86
N ARG A 302 -14.06 9.05 -22.72
CA ARG A 302 -13.99 9.60 -24.06
C ARG A 302 -14.63 10.98 -24.11
N ILE A 303 -13.84 11.97 -24.55
CA ILE A 303 -14.27 13.36 -24.57
C ILE A 303 -14.56 13.77 -26.01
N LYS A 304 -15.74 14.36 -26.24
CA LYS A 304 -16.13 14.85 -27.55
C LYS A 304 -15.56 16.25 -27.75
N ILE A 305 -15.02 16.50 -28.95
CA ILE A 305 -14.53 17.81 -29.34
C ILE A 305 -15.60 18.46 -30.22
N ASN A 306 -15.90 19.73 -29.95
CA ASN A 306 -16.78 20.48 -30.82
C ASN A 306 -15.95 21.01 -31.99
N THR A 307 -15.88 20.22 -33.06
CA THR A 307 -15.08 20.56 -34.23
C THR A 307 -15.81 21.59 -35.09
N ALA A 308 -17.10 21.82 -34.78
CA ALA A 308 -17.95 22.71 -35.56
C ALA A 308 -17.97 24.13 -35.00
N LEU A 309 -17.02 24.46 -34.11
CA LEU A 309 -16.89 25.81 -33.61
C LEU A 309 -16.41 26.71 -34.75
N PRO A 310 -16.81 28.00 -34.77
CA PRO A 310 -16.44 28.92 -35.85
C PRO A 310 -14.94 29.02 -36.11
N GLU A 311 -14.14 28.97 -35.04
CA GLU A 311 -12.69 29.13 -35.16
C GLU A 311 -12.11 27.98 -36.01
N PHE A 312 -12.80 26.83 -36.01
CA PHE A 312 -12.36 25.66 -36.76
C PHE A 312 -13.15 25.55 -38.06
N LYS A 313 -13.00 26.55 -38.93
CA LYS A 313 -13.83 26.66 -40.12
C LYS A 313 -13.34 25.69 -41.20
N ASP A 314 -12.18 26.00 -41.80
CA ASP A 314 -11.67 25.23 -42.92
C ASP A 314 -10.57 24.28 -42.44
N ILE A 315 -10.75 23.75 -41.22
CA ILE A 315 -9.79 22.84 -40.62
C ILE A 315 -10.45 21.47 -40.53
N PRO A 316 -9.84 20.41 -41.09
CA PRO A 316 -10.38 19.06 -40.97
C PRO A 316 -10.29 18.56 -39.53
N GLU A 317 -11.25 17.72 -39.13
CA GLU A 317 -11.46 17.39 -37.73
C GLU A 317 -10.23 16.68 -37.17
N TYR A 318 -9.57 15.86 -37.99
CA TYR A 318 -8.44 15.05 -37.55
C TYR A 318 -7.28 15.95 -37.13
N LYS A 319 -7.13 17.11 -37.77
CA LYS A 319 -6.07 18.05 -37.44
C LYS A 319 -6.35 18.72 -36.09
N LEU A 320 -7.63 18.97 -35.80
CA LEU A 320 -8.04 19.51 -34.52
C LEU A 320 -7.70 18.52 -33.41
N LYS A 321 -8.08 17.25 -33.64
CA LYS A 321 -7.85 16.17 -32.70
C LYS A 321 -6.35 16.04 -32.42
N LEU A 322 -5.54 16.04 -33.48
CA LEU A 322 -4.10 15.86 -33.36
C LEU A 322 -3.48 17.02 -32.59
N ALA A 323 -3.94 18.24 -32.89
CA ALA A 323 -3.43 19.43 -32.23
C ALA A 323 -3.79 19.41 -30.75
N LEU A 324 -5.05 19.10 -30.43
CA LEU A 324 -5.51 19.03 -29.05
C LEU A 324 -4.74 17.95 -28.29
N GLN A 325 -4.40 16.85 -28.98
CA GLN A 325 -3.66 15.77 -28.37
C GLN A 325 -2.27 16.28 -27.95
N GLN A 326 -1.61 17.00 -28.85
CA GLN A 326 -0.28 17.54 -28.59
C GLN A 326 -0.33 18.60 -27.49
N ILE A 327 -1.39 19.42 -27.50
CA ILE A 327 -1.54 20.52 -26.55
C ILE A 327 -1.74 19.95 -25.15
N LEU A 328 -2.68 19.00 -25.02
CA LEU A 328 -3.02 18.41 -23.73
C LEU A 328 -1.82 17.62 -23.17
N ASN A 329 -1.11 16.89 -24.04
CA ASN A 329 -0.01 16.05 -23.63
C ASN A 329 1.15 16.90 -23.11
N GLU A 330 1.30 18.11 -23.65
CA GLU A 330 2.33 19.03 -23.20
C GLU A 330 1.98 19.61 -21.84
N GLU A 331 0.67 19.70 -21.54
CA GLU A 331 0.19 20.19 -20.26
C GLU A 331 0.33 19.10 -19.19
N GLY A 332 0.31 17.83 -19.61
CA GLY A 332 0.54 16.71 -18.70
C GLY A 332 -0.62 15.70 -18.70
N VAL A 333 -1.72 16.04 -19.39
CA VAL A 333 -2.84 15.11 -19.55
C VAL A 333 -2.59 14.28 -20.80
N PHE A 334 -2.30 12.98 -20.61
CA PHE A 334 -1.99 12.09 -21.71
C PHE A 334 -3.28 11.60 -22.36
N ALA A 335 -3.90 12.46 -23.15
CA ALA A 335 -5.03 12.10 -24.00
C ALA A 335 -4.52 11.35 -25.22
N ARG A 336 -5.28 10.34 -25.65
CA ARG A 336 -4.83 9.45 -26.72
C ARG A 336 -6.04 8.82 -27.39
N GLU A 337 -5.75 7.97 -28.38
CA GLU A 337 -6.78 7.21 -29.10
C GLU A 337 -6.76 5.80 -28.52
N TRP A 338 -7.93 5.15 -28.47
CA TRP A 338 -7.97 3.74 -28.09
C TRP A 338 -7.85 2.87 -29.33
N GLN A 339 -8.77 3.08 -30.29
CA GLN A 339 -8.73 2.36 -31.54
C GLN A 339 -8.45 3.35 -32.66
N ASN A 340 -7.45 3.04 -33.50
CA ASN A 340 -7.04 3.92 -34.59
C ASN A 340 -7.87 3.62 -35.83
N THR A 341 -8.21 2.35 -36.04
CA THR A 341 -8.98 1.90 -37.19
C THR A 341 -10.06 0.92 -36.72
N LEU A 342 -11.15 0.83 -37.49
CA LEU A 342 -12.28 -0.04 -37.16
C LEU A 342 -11.94 -1.48 -37.54
N LEU A 343 -12.51 -2.43 -36.79
CA LEU A 343 -12.15 -3.83 -36.90
C LEU A 343 -12.29 -4.36 -38.33
N PRO A 344 -13.39 -4.03 -39.06
CA PRO A 344 -13.52 -4.44 -40.46
C PRO A 344 -12.24 -4.25 -41.28
N PHE A 345 -11.49 -3.17 -41.02
CA PHE A 345 -10.35 -2.81 -41.84
C PHE A 345 -9.03 -3.18 -41.15
N HIS A 346 -9.11 -3.97 -40.08
CA HIS A 346 -7.93 -4.61 -39.52
C HIS A 346 -7.54 -5.78 -40.41
N LEU A 347 -6.24 -6.08 -40.46
CA LEU A 347 -5.69 -7.04 -41.41
C LEU A 347 -6.42 -8.37 -41.31
N PRO A 348 -6.64 -8.96 -40.10
CA PRO A 348 -7.38 -10.21 -39.97
C PRO A 348 -8.72 -10.30 -40.70
N PHE A 349 -9.43 -9.16 -40.82
CA PHE A 349 -10.74 -9.12 -41.44
C PHE A 349 -10.65 -8.51 -42.84
N GLN A 350 -9.42 -8.32 -43.33
CA GLN A 350 -9.17 -7.97 -44.72
C GLN A 350 -8.70 -9.21 -45.48
N ASN A 351 -7.77 -9.96 -44.87
CA ASN A 351 -7.25 -11.18 -45.48
C ASN A 351 -8.25 -12.33 -45.29
N LYS A 352 -9.04 -12.28 -44.21
CA LYS A 352 -10.05 -13.29 -43.93
C LYS A 352 -9.43 -14.68 -44.04
N LYS A 353 -8.33 -14.89 -43.30
CA LYS A 353 -7.59 -16.13 -43.33
C LYS A 353 -8.12 -17.10 -42.27
N GLY A 354 -8.47 -16.58 -41.09
CA GLY A 354 -9.06 -17.37 -40.03
C GLY A 354 -8.13 -18.49 -39.58
N PHE A 355 -8.65 -19.72 -39.53
CA PHE A 355 -7.87 -20.90 -39.18
C PHE A 355 -6.95 -21.28 -40.33
N GLY A 356 -7.25 -20.78 -41.53
CA GLY A 356 -6.52 -21.12 -42.74
C GLY A 356 -7.51 -21.32 -43.90
N LYS A 357 -7.09 -20.88 -45.10
CA LYS A 357 -7.90 -20.97 -46.30
C LYS A 357 -9.21 -20.17 -46.13
N GLY A 358 -9.23 -19.29 -45.14
CA GLY A 358 -10.43 -18.52 -44.80
C GLY A 358 -11.54 -19.39 -44.22
N TYR A 359 -11.19 -20.30 -43.29
CA TYR A 359 -12.08 -21.38 -42.89
C TYR A 359 -13.45 -20.81 -42.50
N PRO A 360 -13.57 -19.93 -41.48
CA PRO A 360 -14.89 -19.48 -41.03
C PRO A 360 -15.62 -18.69 -42.11
N PHE A 361 -14.88 -17.90 -42.89
CA PHE A 361 -15.45 -16.86 -43.73
C PHE A 361 -16.10 -17.44 -44.98
N PHE A 362 -15.50 -18.50 -45.56
CA PHE A 362 -16.00 -19.08 -46.80
C PHE A 362 -17.29 -19.86 -46.53
N LEU A 363 -17.62 -20.06 -45.25
CA LEU A 363 -18.78 -20.82 -44.83
C LEU A 363 -19.99 -19.89 -44.76
N GLY A 364 -19.98 -18.79 -45.54
CA GLY A 364 -21.09 -17.86 -45.63
C GLY A 364 -20.81 -16.75 -46.63
N ASP A 365 -21.83 -15.93 -46.89
CA ASP A 365 -21.79 -14.92 -47.94
C ASP A 365 -20.72 -13.87 -47.63
N SER A 366 -19.78 -13.71 -48.57
CA SER A 366 -18.66 -12.79 -48.45
C SER A 366 -19.14 -11.34 -48.40
N GLN A 367 -18.52 -10.56 -47.50
CA GLN A 367 -18.90 -9.16 -47.28
C GLN A 367 -17.67 -8.26 -47.48
N GLU A 368 -17.72 -7.40 -48.50
CA GLU A 368 -16.71 -6.37 -48.70
C GLU A 368 -17.18 -5.10 -48.03
N TYR A 369 -16.61 -4.79 -46.86
CA TYR A 369 -17.02 -3.62 -46.09
C TYR A 369 -16.31 -2.38 -46.65
N LYS A 370 -16.96 -1.22 -46.54
CA LYS A 370 -16.36 0.05 -46.89
C LYS A 370 -16.67 1.08 -45.80
N HIS A 371 -15.83 2.12 -45.74
CA HIS A 371 -15.86 3.14 -44.70
C HIS A 371 -17.24 3.79 -44.61
N GLU A 372 -17.91 3.94 -45.75
CA GLU A 372 -19.22 4.59 -45.81
C GLU A 372 -20.28 3.80 -45.05
N HIS A 373 -19.98 2.55 -44.66
CA HIS A 373 -20.92 1.73 -43.93
C HIS A 373 -20.96 2.10 -42.45
N PHE A 374 -19.91 2.76 -41.94
CA PHE A 374 -19.80 3.06 -40.52
C PHE A 374 -19.51 4.55 -40.32
N PRO A 375 -20.42 5.46 -40.69
CA PRO A 375 -20.18 6.90 -40.57
C PRO A 375 -20.06 7.42 -39.14
N ASN A 376 -20.83 6.84 -38.22
CA ASN A 376 -20.87 7.27 -36.82
C ASN A 376 -19.54 6.95 -36.15
N ALA A 377 -19.07 5.70 -36.32
CA ALA A 377 -17.84 5.24 -35.72
C ALA A 377 -16.64 6.05 -36.22
N LEU A 378 -16.66 6.45 -37.50
CA LEU A 378 -15.55 7.17 -38.09
C LEU A 378 -15.55 8.62 -37.62
N GLN A 379 -16.73 9.18 -37.37
CA GLN A 379 -16.84 10.54 -36.85
C GLN A 379 -16.24 10.61 -35.45
N MET A 380 -16.50 9.56 -34.64
CA MET A 380 -15.98 9.44 -33.30
C MET A 380 -14.44 9.47 -33.33
N LEU A 381 -13.85 8.63 -34.20
CA LEU A 381 -12.40 8.50 -34.27
C LEU A 381 -11.77 9.84 -34.65
N ARG A 382 -12.50 10.68 -35.38
CA ARG A 382 -11.98 11.96 -35.85
C ARG A 382 -12.15 13.06 -34.81
N SER A 383 -13.16 12.93 -33.93
CA SER A 383 -13.61 14.06 -33.13
C SER A 383 -13.70 13.72 -31.64
N THR A 384 -12.91 12.73 -31.17
CA THR A 384 -12.88 12.40 -29.75
C THR A 384 -11.44 12.10 -29.33
N LEU A 385 -11.15 12.37 -28.04
CA LEU A 385 -9.93 11.91 -27.39
C LEU A 385 -10.31 11.08 -26.18
N VAL A 386 -9.36 10.25 -25.72
CA VAL A 386 -9.65 9.31 -24.65
C VAL A 386 -8.62 9.50 -23.53
N LEU A 387 -9.11 9.44 -22.29
CA LEU A 387 -8.28 9.30 -21.11
C LEU A 387 -8.47 7.86 -20.63
N CYS A 388 -7.37 7.17 -20.34
CA CYS A 388 -7.41 5.75 -20.04
C CYS A 388 -6.99 5.56 -18.59
N ARG A 389 -5.67 5.51 -18.36
CA ARG A 389 -5.11 5.15 -17.07
C ARG A 389 -5.36 6.26 -16.05
N GLU A 390 -5.54 7.50 -16.55
CA GLU A 390 -5.59 8.68 -15.71
C GLU A 390 -6.90 8.78 -14.94
N LEU A 391 -7.93 8.05 -15.37
CA LEU A 391 -9.22 8.03 -14.68
C LEU A 391 -9.64 6.60 -14.32
N ARG A 392 -8.87 5.60 -14.79
CA ARG A 392 -9.02 4.24 -14.31
C ARG A 392 -8.38 4.14 -12.93
N SER A 393 -7.24 4.82 -12.76
CA SER A 393 -6.61 4.98 -11.47
C SER A 393 -7.46 5.91 -10.61
N PRO A 394 -7.79 5.53 -9.35
CA PRO A 394 -8.57 6.41 -8.47
C PRO A 394 -7.67 7.51 -7.91
N VAL A 395 -7.46 8.55 -8.72
CA VAL A 395 -6.48 9.59 -8.44
C VAL A 395 -6.99 10.48 -7.30
N GLU A 396 -6.05 11.16 -6.64
CA GLU A 396 -6.35 12.07 -5.54
C GLU A 396 -6.96 13.35 -6.09
N TYR A 397 -7.53 14.17 -5.19
CA TYR A 397 -8.26 15.37 -5.58
C TYR A 397 -7.33 16.34 -6.33
N GLU A 398 -6.08 16.45 -5.88
CA GLU A 398 -5.14 17.39 -6.47
C GLU A 398 -4.89 17.06 -7.93
N LYS A 399 -4.90 15.76 -8.27
CA LYS A 399 -4.64 15.31 -9.62
C LYS A 399 -5.87 15.53 -10.49
N LEU A 400 -7.06 15.19 -9.96
CA LEU A 400 -8.31 15.37 -10.68
C LEU A 400 -8.52 16.85 -11.01
N HIS A 401 -8.15 17.72 -10.06
CA HIS A 401 -8.34 19.15 -10.22
C HIS A 401 -7.35 19.66 -11.26
N SER A 402 -6.15 19.07 -11.31
CA SER A 402 -5.17 19.37 -12.34
C SER A 402 -5.73 19.11 -13.73
N TYR A 403 -6.48 18.01 -13.88
CA TYR A 403 -7.11 17.70 -15.15
C TYR A 403 -8.10 18.81 -15.51
N ILE A 404 -8.95 19.17 -14.55
CA ILE A 404 -10.01 20.14 -14.76
C ILE A 404 -9.42 21.48 -15.18
N ILE A 405 -8.30 21.87 -14.56
CA ILE A 405 -7.62 23.11 -14.90
C ILE A 405 -7.11 23.03 -16.35
N THR A 406 -6.63 21.85 -16.76
CA THR A 406 -6.01 21.67 -18.06
C THR A 406 -7.03 21.92 -19.17
N PHE A 407 -8.20 21.29 -19.06
CA PHE A 407 -9.25 21.44 -20.06
C PHE A 407 -9.73 22.89 -20.08
N LYS A 408 -9.90 23.49 -18.91
CA LYS A 408 -10.37 24.87 -18.80
C LYS A 408 -9.31 25.84 -19.32
N LYS A 409 -8.03 25.46 -19.18
CA LYS A 409 -6.94 26.25 -19.72
C LYS A 409 -7.00 26.23 -21.25
N VAL A 410 -7.15 25.03 -21.82
CA VAL A 410 -7.18 24.85 -23.26
C VAL A 410 -8.45 25.49 -23.83
N ASP A 411 -9.55 25.44 -23.06
CA ASP A 411 -10.83 25.97 -23.50
C ASP A 411 -10.75 27.49 -23.67
N LYS A 412 -9.77 28.13 -23.02
CA LYS A 412 -9.55 29.57 -23.15
C LYS A 412 -8.60 29.89 -24.31
N ASN A 413 -8.18 28.88 -25.07
CA ASN A 413 -7.25 29.08 -26.17
C ASN A 413 -7.78 28.38 -27.43
N ILE A 414 -9.08 28.50 -27.68
CA ILE A 414 -9.71 27.87 -28.83
C ILE A 414 -9.14 28.47 -30.12
N GLN A 415 -8.76 29.75 -30.06
CA GLN A 415 -8.14 30.43 -31.21
C GLN A 415 -6.78 29.80 -31.51
N ARG A 416 -5.96 29.59 -30.48
CA ARG A 416 -4.62 29.03 -30.65
C ARG A 416 -4.70 27.55 -31.03
N VAL A 417 -5.73 26.85 -30.52
CA VAL A 417 -5.98 25.48 -30.92
C VAL A 417 -6.18 25.44 -32.43
N ALA A 418 -6.95 26.40 -32.96
CA ALA A 418 -7.23 26.50 -34.38
C ALA A 418 -5.96 26.82 -35.16
N GLU A 419 -5.15 27.75 -34.64
CA GLU A 419 -3.93 28.16 -35.31
C GLU A 419 -2.95 27.00 -35.41
N ILE A 420 -2.85 26.21 -34.34
CA ILE A 420 -1.93 25.08 -34.28
C ILE A 420 -2.41 23.96 -35.20
N ALA A 421 -3.73 23.72 -35.21
CA ALA A 421 -4.33 22.67 -36.01
C ALA A 421 -4.11 22.92 -37.51
N SER A 422 -4.22 24.19 -37.91
CA SER A 422 -4.11 24.57 -39.32
C SER A 422 -2.67 24.43 -39.82
N GLN A 423 -1.70 24.40 -38.90
CA GLN A 423 -0.29 24.32 -39.25
C GLN A 423 0.15 22.87 -39.42
N ILE A 424 -0.71 21.91 -39.08
CA ILE A 424 -0.38 20.50 -39.21
C ILE A 424 -0.48 20.11 -40.69
N ASP A 425 0.53 19.36 -41.17
CA ASP A 425 0.60 18.96 -42.56
C ASP A 425 -0.46 17.89 -42.85
N ASP A 426 -0.88 17.81 -44.12
CA ASP A 426 -1.89 16.86 -44.56
C ASP A 426 -1.32 15.44 -44.53
N VAL A 427 -2.23 14.46 -44.52
CA VAL A 427 -1.87 13.05 -44.44
C VAL A 427 -2.82 12.24 -45.33
N PRO A 428 -2.48 10.97 -45.65
CA PRO A 428 -3.35 10.10 -46.44
C PRO A 428 -4.85 10.28 -46.16
N GLU B 12 11.38 -24.16 1.91
CA GLU B 12 12.26 -23.17 1.21
C GLU B 12 11.62 -22.71 -0.10
N GLN B 13 10.80 -23.59 -0.70
CA GLN B 13 10.12 -23.27 -1.95
C GLN B 13 9.10 -22.17 -1.73
N LEU B 14 8.31 -22.28 -0.65
CA LEU B 14 7.25 -21.34 -0.36
C LEU B 14 7.82 -19.93 -0.18
N PHE B 15 9.03 -19.82 0.37
CA PHE B 15 9.66 -18.53 0.58
C PHE B 15 10.13 -17.97 -0.77
N GLN B 16 10.83 -18.80 -1.54
CA GLN B 16 11.40 -18.38 -2.82
C GLN B 16 10.30 -17.92 -3.77
N VAL B 17 9.17 -18.64 -3.77
CA VAL B 17 8.02 -18.27 -4.60
C VAL B 17 7.45 -16.95 -4.11
N SER B 18 7.19 -16.86 -2.80
CA SER B 18 6.63 -15.65 -2.20
C SER B 18 7.54 -14.46 -2.47
N PHE B 19 8.86 -14.66 -2.39
CA PHE B 19 9.82 -13.58 -2.50
C PHE B 19 9.74 -12.99 -3.90
N VAL B 20 9.68 -13.85 -4.92
CA VAL B 20 9.70 -13.40 -6.30
C VAL B 20 8.38 -12.70 -6.63
N LEU B 21 7.27 -13.23 -6.13
CA LEU B 21 5.96 -12.61 -6.33
C LEU B 21 5.93 -11.24 -5.64
N ALA B 22 6.56 -11.14 -4.46
CA ALA B 22 6.62 -9.89 -3.74
C ALA B 22 7.46 -8.87 -4.49
N ARG B 23 8.61 -9.32 -5.03
CA ARG B 23 9.53 -8.45 -5.75
C ARG B 23 8.84 -7.81 -6.95
N VAL B 24 8.18 -8.64 -7.76
CA VAL B 24 7.55 -8.18 -8.99
C VAL B 24 6.36 -7.30 -8.63
N LEU B 25 5.59 -7.69 -7.60
CA LEU B 25 4.46 -6.90 -7.15
C LEU B 25 4.93 -5.54 -6.64
N THR B 26 6.11 -5.52 -5.99
CA THR B 26 6.69 -4.27 -5.49
C THR B 26 7.10 -3.40 -6.67
N SER B 27 7.60 -4.01 -7.76
CA SER B 27 8.02 -3.28 -8.94
C SER B 27 6.82 -2.59 -9.59
N GLY B 28 5.65 -3.22 -9.51
CA GLY B 28 4.43 -2.67 -10.06
C GLY B 28 4.27 -2.98 -11.55
N ILE B 29 5.18 -3.82 -12.08
CA ILE B 29 5.20 -4.16 -13.49
C ILE B 29 4.68 -5.59 -13.64
N ILE B 30 3.36 -5.72 -13.82
CA ILE B 30 2.72 -7.03 -13.84
C ILE B 30 1.92 -7.24 -15.13
N MET B 31 2.03 -6.33 -16.10
CA MET B 31 1.37 -6.49 -17.38
C MET B 31 2.36 -7.04 -18.40
N SER B 32 1.88 -7.92 -19.28
CA SER B 32 2.69 -8.46 -20.38
C SER B 32 3.13 -7.34 -21.32
N ILE B 33 2.20 -6.45 -21.68
CA ILE B 33 2.39 -5.51 -22.77
C ILE B 33 3.03 -4.21 -22.29
N GLU B 34 3.33 -4.13 -20.99
CA GLU B 34 3.81 -2.89 -20.38
C GLU B 34 5.30 -2.73 -20.65
N LYS B 35 5.73 -1.46 -20.79
CA LYS B 35 7.12 -1.13 -20.99
C LYS B 35 7.90 -1.37 -19.69
N ASN B 36 9.16 -1.80 -19.83
CA ASN B 36 10.04 -2.10 -18.71
C ASN B 36 9.67 -3.46 -18.09
N GLU B 37 8.99 -4.31 -18.85
CA GLU B 37 8.73 -5.68 -18.43
C GLU B 37 9.88 -6.56 -18.92
N ASN B 38 10.65 -7.12 -17.98
CA ASN B 38 11.89 -7.83 -18.30
C ASN B 38 11.91 -9.21 -17.68
N GLU B 39 10.77 -9.71 -17.18
CA GLU B 39 10.70 -11.03 -16.58
C GLU B 39 10.57 -12.09 -17.66
N LEU B 40 9.75 -11.81 -18.68
CA LEU B 40 9.50 -12.73 -19.77
C LEU B 40 10.73 -12.81 -20.67
N LYS B 41 11.37 -11.66 -20.91
CA LYS B 41 12.60 -11.61 -21.68
C LYS B 41 13.70 -12.37 -20.96
N GLY B 42 13.76 -12.22 -19.63
CA GLY B 42 14.73 -12.95 -18.81
C GLY B 42 14.52 -14.46 -18.89
N LEU B 43 13.26 -14.89 -18.82
CA LEU B 43 12.90 -16.29 -18.95
C LEU B 43 13.37 -16.82 -20.31
N GLU B 44 13.05 -16.06 -21.37
CA GLU B 44 13.38 -16.44 -22.73
C GLU B 44 14.89 -16.64 -22.88
N ASN B 45 15.67 -15.66 -22.40
CA ASN B 45 17.11 -15.65 -22.57
C ASN B 45 17.73 -16.91 -21.96
N ILE B 46 17.27 -17.29 -20.76
CA ILE B 46 17.78 -18.46 -20.08
C ILE B 46 17.54 -19.70 -20.95
N LEU B 47 16.32 -19.82 -21.50
CA LEU B 47 15.93 -20.98 -22.27
C LEU B 47 16.67 -21.02 -23.60
N LYS B 48 16.90 -19.85 -24.19
CA LYS B 48 17.65 -19.74 -25.44
C LYS B 48 19.09 -20.20 -25.24
N LYS B 49 19.68 -19.81 -24.10
CA LYS B 49 21.06 -20.15 -23.79
C LYS B 49 21.19 -21.64 -23.51
N THR B 50 20.17 -22.22 -22.85
CA THR B 50 20.20 -23.63 -22.48
C THR B 50 20.05 -24.49 -23.73
N SER B 51 19.14 -24.10 -24.62
CA SER B 51 18.80 -24.89 -25.79
C SER B 51 19.74 -24.59 -26.96
N SER B 52 20.38 -23.42 -26.92
CA SER B 52 21.21 -22.92 -28.00
C SER B 52 20.35 -22.54 -29.21
N LYS B 53 19.09 -22.15 -28.94
CA LYS B 53 18.19 -21.69 -29.98
C LYS B 53 18.22 -20.17 -30.03
N GLN B 54 17.85 -19.62 -31.18
CA GLN B 54 18.00 -18.19 -31.45
C GLN B 54 16.74 -17.44 -31.07
N TYR B 55 15.59 -18.12 -31.12
CA TYR B 55 14.29 -17.48 -30.95
C TYR B 55 13.49 -18.20 -29.87
N ALA B 56 12.74 -17.42 -29.08
CA ALA B 56 11.90 -17.94 -28.02
C ALA B 56 10.58 -17.18 -27.96
N VAL B 57 9.48 -17.91 -27.76
CA VAL B 57 8.14 -17.33 -27.66
C VAL B 57 7.42 -17.95 -26.48
N THR B 58 6.95 -17.11 -25.54
CA THR B 58 6.28 -17.56 -24.34
C THR B 58 4.77 -17.56 -24.56
N PHE B 59 4.09 -18.53 -23.95
CA PHE B 59 2.65 -18.68 -24.05
C PHE B 59 2.07 -18.90 -22.66
N ASN B 60 0.77 -18.62 -22.52
CA ASN B 60 0.05 -18.86 -21.28
C ASN B 60 -0.68 -20.20 -21.33
N SER B 61 -0.32 -21.03 -22.33
CA SER B 61 -0.98 -22.31 -22.53
C SER B 61 -0.15 -23.14 -23.51
N ILE B 62 -0.17 -24.47 -23.31
CA ILE B 62 0.52 -25.39 -24.20
C ILE B 62 -0.12 -25.30 -25.58
N SER B 63 -1.44 -25.06 -25.61
CA SER B 63 -2.18 -24.91 -26.85
C SER B 63 -1.58 -23.80 -27.71
N GLY B 64 -1.19 -22.69 -27.06
CA GLY B 64 -0.61 -21.57 -27.78
C GLY B 64 0.74 -21.91 -28.41
N ALA B 65 1.52 -22.75 -27.72
CA ALA B 65 2.81 -23.19 -28.23
C ALA B 65 2.61 -24.16 -29.39
N VAL B 66 1.59 -25.02 -29.27
CA VAL B 66 1.26 -26.00 -30.30
C VAL B 66 0.82 -25.26 -31.56
N ILE B 67 -0.17 -24.36 -31.42
CA ILE B 67 -0.71 -23.60 -32.54
C ILE B 67 0.40 -22.80 -33.21
N GLY B 68 1.30 -22.25 -32.38
CA GLY B 68 2.42 -21.46 -32.89
C GLY B 68 3.35 -22.28 -33.78
N SER B 69 3.65 -23.51 -33.35
CA SER B 69 4.55 -24.38 -34.08
C SER B 69 3.90 -24.84 -35.39
N LEU B 70 2.57 -25.05 -35.37
CA LEU B 70 1.85 -25.53 -36.53
C LEU B 70 1.72 -24.40 -37.56
N TRP B 71 1.07 -23.30 -37.16
CA TRP B 71 0.84 -22.18 -38.05
C TRP B 71 2.15 -21.54 -38.49
N GLY B 72 3.20 -21.70 -37.68
CA GLY B 72 4.51 -21.19 -37.99
C GLY B 72 5.14 -21.91 -39.18
N GLN B 73 4.73 -23.16 -39.41
CA GLN B 73 5.21 -23.96 -40.53
C GLN B 73 4.09 -24.11 -41.57
N ASP B 74 3.12 -23.18 -41.56
CA ASP B 74 2.01 -23.15 -42.50
C ASP B 74 1.19 -24.44 -42.43
N ILE B 75 1.16 -25.10 -41.26
CA ILE B 75 0.30 -26.24 -41.03
C ILE B 75 -1.03 -25.71 -40.49
N VAL B 76 -1.93 -25.34 -41.40
CA VAL B 76 -3.16 -24.65 -41.07
C VAL B 76 -4.35 -25.53 -41.43
N TYR B 77 -5.55 -24.95 -41.40
CA TYR B 77 -6.77 -25.65 -41.76
C TYR B 77 -6.63 -26.25 -43.16
N GLY B 78 -6.81 -27.58 -43.26
CA GLY B 78 -6.77 -28.27 -44.53
C GLY B 78 -5.46 -29.04 -44.74
N GLU B 79 -4.41 -28.64 -44.02
CA GLU B 79 -3.11 -29.29 -44.11
C GLU B 79 -3.08 -30.50 -43.17
N ALA B 80 -1.94 -31.21 -43.17
CA ALA B 80 -1.75 -32.38 -42.32
C ALA B 80 -0.32 -32.43 -41.81
N THR B 81 -0.09 -33.27 -40.79
CA THR B 81 1.23 -33.53 -40.25
C THR B 81 1.21 -34.87 -39.51
N ASN B 82 2.35 -35.22 -38.92
CA ASN B 82 2.47 -36.50 -38.21
C ASN B 82 2.06 -36.32 -36.76
N GLN B 83 1.10 -37.14 -36.31
CA GLN B 83 0.49 -37.03 -35.00
C GLN B 83 0.73 -38.31 -34.21
N GLN B 84 1.85 -38.99 -34.51
CA GLN B 84 2.15 -40.28 -33.91
C GLN B 84 2.58 -40.12 -32.46
N SER B 85 3.10 -38.93 -32.10
CA SER B 85 3.63 -38.68 -30.78
C SER B 85 2.72 -37.77 -29.95
N LEU B 86 1.46 -37.61 -30.36
CA LEU B 86 0.54 -36.72 -29.69
C LEU B 86 -0.27 -37.51 -28.66
N ASP B 87 -0.57 -36.85 -27.53
CA ASP B 87 -1.46 -37.41 -26.52
C ASP B 87 -2.89 -37.06 -26.90
N GLU B 88 -3.86 -37.56 -26.12
CA GLU B 88 -5.27 -37.44 -26.44
C GLU B 88 -5.67 -35.98 -26.58
N GLN B 89 -5.04 -35.09 -25.80
CA GLN B 89 -5.42 -33.68 -25.78
C GLN B 89 -4.98 -33.00 -27.08
N GLN B 90 -3.73 -33.22 -27.48
CA GLN B 90 -3.17 -32.62 -28.69
C GLN B 90 -3.90 -33.14 -29.93
N GLU B 91 -4.27 -34.42 -29.91
CA GLU B 91 -5.05 -35.01 -30.99
C GLU B 91 -6.30 -34.17 -31.24
N LYS B 92 -6.99 -33.81 -30.15
CA LYS B 92 -8.22 -33.05 -30.21
C LYS B 92 -7.96 -31.63 -30.72
N LEU B 93 -6.86 -31.02 -30.26
CA LEU B 93 -6.55 -29.64 -30.63
C LEU B 93 -6.29 -29.56 -32.12
N PHE B 94 -5.56 -30.54 -32.66
CA PHE B 94 -5.26 -30.60 -34.08
C PHE B 94 -6.56 -30.74 -34.87
N LYS B 95 -7.47 -31.60 -34.38
CA LYS B 95 -8.75 -31.82 -35.03
C LYS B 95 -9.57 -30.52 -35.07
N TRP B 96 -9.52 -29.77 -33.97
CA TRP B 96 -10.24 -28.51 -33.85
C TRP B 96 -9.66 -27.47 -34.81
N LEU B 97 -8.33 -27.49 -35.00
CA LEU B 97 -7.65 -26.59 -35.93
C LEU B 97 -7.94 -27.01 -37.37
N GLY B 98 -8.34 -28.27 -37.57
CA GLY B 98 -8.65 -28.80 -38.89
C GLY B 98 -7.39 -29.32 -39.59
N ILE B 99 -6.59 -30.09 -38.84
CA ILE B 99 -5.32 -30.61 -39.31
C ILE B 99 -5.37 -32.13 -39.23
N GLY B 100 -5.00 -32.80 -40.33
CA GLY B 100 -5.11 -34.25 -40.45
C GLY B 100 -3.78 -34.94 -40.11
N HIS B 101 -3.82 -36.28 -40.16
CA HIS B 101 -2.67 -37.12 -39.83
C HIS B 101 -2.09 -37.72 -41.12
N SER B 102 -0.75 -37.88 -41.13
CA SER B 102 -0.09 -38.69 -42.14
C SER B 102 1.22 -39.23 -41.56
N SER B 103 1.40 -40.55 -41.60
CA SER B 103 2.62 -41.20 -41.13
C SER B 103 3.79 -40.85 -42.04
N LEU B 104 3.49 -40.49 -43.29
CA LEU B 104 4.52 -40.24 -44.29
C LEU B 104 5.15 -38.86 -44.09
N LEU B 105 4.46 -37.96 -43.39
CA LEU B 105 4.95 -36.61 -43.17
C LEU B 105 5.80 -36.54 -41.90
N PRO B 106 6.62 -35.48 -41.72
CA PRO B 106 7.42 -35.30 -40.51
C PRO B 106 6.57 -34.85 -39.32
N GLU B 107 7.13 -34.95 -38.11
CA GLU B 107 6.48 -34.43 -36.91
C GLU B 107 6.64 -32.91 -36.88
N PRO B 108 5.63 -32.18 -36.34
CA PRO B 108 5.70 -30.72 -36.27
C PRO B 108 6.62 -30.19 -35.16
N TYR B 109 6.73 -30.93 -34.06
CA TYR B 109 7.53 -30.51 -32.91
C TYR B 109 7.88 -31.71 -32.05
N THR B 110 8.85 -31.51 -31.15
CA THR B 110 9.11 -32.43 -30.05
C THR B 110 8.76 -31.72 -28.75
N LEU B 111 7.78 -32.27 -28.03
CA LEU B 111 7.25 -31.66 -26.81
C LEU B 111 7.92 -32.31 -25.60
N HIS B 112 8.34 -31.46 -24.65
CA HIS B 112 8.88 -31.91 -23.38
C HIS B 112 8.07 -31.32 -22.24
N ALA B 113 7.34 -32.17 -21.50
CA ALA B 113 6.64 -31.76 -20.29
C ALA B 113 7.64 -31.61 -19.16
N ILE B 114 7.82 -30.37 -18.68
CA ILE B 114 8.74 -30.06 -17.61
C ILE B 114 7.99 -30.09 -16.28
N ASN B 115 8.66 -30.65 -15.25
CA ASN B 115 8.12 -30.70 -13.90
C ASN B 115 9.30 -30.60 -12.93
N TRP B 116 9.03 -30.77 -11.63
CA TRP B 116 10.06 -30.59 -10.61
C TRP B 116 11.07 -31.74 -10.60
N GLY B 117 10.68 -32.88 -11.18
CA GLY B 117 11.57 -34.02 -11.32
C GLY B 117 12.72 -33.75 -12.30
N ASN B 118 12.38 -33.20 -13.47
CA ASN B 118 13.29 -33.17 -14.61
C ASN B 118 13.83 -31.76 -14.89
N ILE B 119 13.37 -30.75 -14.13
CA ILE B 119 13.74 -29.37 -14.39
C ILE B 119 15.25 -29.19 -14.23
N SER B 120 15.85 -29.93 -13.30
CA SER B 120 17.27 -29.85 -13.02
C SER B 120 18.10 -30.25 -14.24
N ASN B 121 17.62 -31.25 -14.99
CA ASN B 121 18.32 -31.77 -16.15
C ASN B 121 17.65 -31.23 -17.42
N LEU B 122 17.76 -29.90 -17.62
CA LEU B 122 17.11 -29.23 -18.73
C LEU B 122 18.05 -29.16 -19.93
N GLN B 123 19.36 -29.06 -19.67
CA GLN B 123 20.36 -29.00 -20.73
C GLN B 123 20.21 -30.21 -21.66
N LYS B 124 20.17 -31.41 -21.09
CA LYS B 124 20.12 -32.65 -21.85
C LYS B 124 18.83 -32.71 -22.67
N ILE B 125 17.73 -32.21 -22.08
CA ILE B 125 16.42 -32.26 -22.72
C ILE B 125 16.39 -31.29 -23.90
N THR B 126 16.88 -30.06 -23.70
CA THR B 126 16.72 -28.99 -24.68
C THR B 126 17.76 -29.08 -25.78
N HIS B 127 18.98 -29.55 -25.45
CA HIS B 127 20.00 -29.79 -26.46
C HIS B 127 19.58 -31.00 -27.30
N GLU B 128 18.83 -30.72 -28.37
CA GLU B 128 18.42 -31.75 -29.30
C GLU B 128 18.38 -31.18 -30.70
N GLU B 129 18.25 -32.08 -31.68
CA GLU B 129 18.29 -31.72 -33.08
C GLU B 129 16.94 -31.21 -33.55
N ALA B 130 15.89 -31.42 -32.74
CA ALA B 130 14.54 -30.98 -33.07
C ALA B 130 14.54 -29.50 -33.45
N HIS B 131 13.94 -29.20 -34.61
CA HIS B 131 13.94 -27.85 -35.16
C HIS B 131 12.93 -26.98 -34.43
N VAL B 132 11.90 -27.58 -33.80
CA VAL B 132 10.99 -26.85 -32.93
C VAL B 132 10.82 -27.61 -31.62
N THR B 133 11.30 -27.01 -30.53
CA THR B 133 11.21 -27.59 -29.19
C THR B 133 10.11 -26.86 -28.42
N LEU B 134 9.16 -27.64 -27.88
CA LEU B 134 8.06 -27.12 -27.08
C LEU B 134 8.22 -27.58 -25.63
N LEU B 135 8.27 -26.61 -24.71
CA LEU B 135 8.41 -26.87 -23.28
C LEU B 135 7.10 -26.53 -22.59
N ASP B 136 6.52 -27.51 -21.88
CA ASP B 136 5.30 -27.32 -21.11
C ASP B 136 5.66 -27.22 -19.63
N PHE B 137 5.47 -26.03 -19.04
CA PHE B 137 5.87 -25.77 -17.66
C PHE B 137 4.68 -25.85 -16.70
N THR B 138 3.50 -26.24 -17.21
CA THR B 138 2.27 -26.15 -16.45
C THR B 138 2.37 -26.91 -15.13
N LYS B 139 3.09 -28.06 -15.15
CA LYS B 139 3.13 -28.95 -14.02
C LYS B 139 4.12 -28.46 -12.95
N LEU B 140 4.70 -27.27 -13.15
CA LEU B 140 5.48 -26.63 -12.09
C LEU B 140 4.54 -26.04 -11.04
N GLY B 141 3.28 -25.78 -11.42
CA GLY B 141 2.26 -25.37 -10.48
C GLY B 141 2.21 -23.86 -10.27
N PHE B 142 2.77 -23.10 -11.23
CA PHE B 142 2.70 -21.65 -11.21
C PHE B 142 1.61 -21.17 -12.15
N GLY B 143 0.90 -22.11 -12.78
CA GLY B 143 -0.14 -21.80 -13.74
C GLY B 143 0.24 -22.28 -15.14
N PRO B 144 -0.72 -22.36 -16.09
CA PRO B 144 -0.43 -22.83 -17.45
C PRO B 144 0.60 -21.95 -18.16
N CYS B 145 1.67 -22.58 -18.66
CA CYS B 145 2.72 -21.87 -19.37
C CYS B 145 3.45 -22.80 -20.31
N ALA B 146 3.85 -22.26 -21.47
CA ALA B 146 4.62 -23.01 -22.45
C ALA B 146 5.56 -22.07 -23.19
N VAL B 147 6.67 -22.62 -23.67
CA VAL B 147 7.64 -21.85 -24.44
C VAL B 147 7.98 -22.63 -25.70
N LEU B 148 8.06 -21.91 -26.83
CA LEU B 148 8.47 -22.47 -28.11
C LEU B 148 9.88 -21.99 -28.41
N LEU B 149 10.74 -22.92 -28.84
CA LEU B 149 12.13 -22.64 -29.13
C LEU B 149 12.47 -23.12 -30.53
N THR B 150 13.12 -22.25 -31.33
CA THR B 150 13.47 -22.59 -32.69
C THR B 150 14.59 -21.66 -33.18
N ASN B 151 15.28 -22.09 -34.24
CA ASN B 151 16.21 -21.24 -34.97
C ASN B 151 15.51 -20.62 -36.18
N ASN B 152 14.26 -21.06 -36.42
CA ASN B 152 13.48 -20.61 -37.55
C ASN B 152 12.86 -19.26 -37.24
N GLU B 153 13.28 -18.22 -37.98
CA GLU B 153 12.82 -16.86 -37.74
C GLU B 153 11.36 -16.72 -38.12
N THR B 154 10.91 -17.47 -39.14
CA THR B 154 9.56 -17.32 -39.65
C THR B 154 8.57 -17.94 -38.67
N ILE B 155 8.96 -19.04 -38.03
CA ILE B 155 8.14 -19.66 -36.99
C ILE B 155 7.97 -18.68 -35.83
N TYR B 156 9.08 -18.10 -35.39
CA TYR B 156 9.10 -17.12 -34.30
C TYR B 156 8.12 -15.99 -34.59
N LYS B 157 8.24 -15.38 -35.78
CA LYS B 157 7.48 -14.21 -36.13
C LYS B 157 5.99 -14.52 -36.21
N LYS B 158 5.65 -15.71 -36.75
CA LYS B 158 4.27 -16.13 -36.90
C LYS B 158 3.68 -16.51 -35.53
N SER B 159 4.54 -17.03 -34.65
CA SER B 159 4.12 -17.43 -33.30
C SER B 159 3.74 -16.21 -32.48
N GLU B 160 4.48 -15.10 -32.66
CA GLU B 160 4.21 -13.86 -31.96
C GLU B 160 2.96 -13.20 -32.51
N ARG B 161 2.80 -13.22 -33.84
CA ARG B 161 1.76 -12.47 -34.51
C ARG B 161 0.40 -13.11 -34.24
N LEU B 162 0.40 -14.41 -33.92
CA LEU B 162 -0.86 -15.08 -33.60
C LEU B 162 -1.36 -14.63 -32.23
N LYS B 163 -0.46 -14.12 -31.37
CA LYS B 163 -0.86 -13.53 -30.09
C LYS B 163 -1.31 -12.09 -30.32
N ILE B 164 -2.46 -11.72 -29.74
CA ILE B 164 -2.91 -10.33 -29.70
C ILE B 164 -1.94 -9.55 -28.83
N PHE B 165 -1.36 -8.48 -29.40
CA PHE B 165 -0.23 -7.78 -28.79
C PHE B 165 0.93 -8.75 -28.60
N GLY B 166 1.61 -9.10 -29.70
CA GLY B 166 2.77 -9.98 -29.64
C GLY B 166 4.00 -9.33 -30.26
N ALA B 167 3.85 -8.95 -31.53
CA ALA B 167 4.82 -8.09 -32.22
C ALA B 167 4.13 -6.84 -32.73
N PHE B 168 2.99 -6.49 -32.12
CA PHE B 168 2.31 -5.23 -32.38
C PHE B 168 2.67 -4.24 -31.27
N ASP B 169 3.84 -4.44 -30.63
CA ASP B 169 4.40 -3.48 -29.70
C ASP B 169 4.99 -2.30 -30.46
N LEU B 170 5.29 -2.50 -31.75
CA LEU B 170 5.69 -1.44 -32.66
C LEU B 170 6.90 -0.69 -32.10
N GLU B 182 4.57 -8.76 -44.98
CA GLU B 182 5.22 -10.11 -44.97
C GLU B 182 4.39 -11.08 -44.13
N ILE B 183 4.23 -10.76 -42.83
CA ILE B 183 3.52 -11.62 -41.89
C ILE B 183 2.15 -11.03 -41.60
N LYS B 184 1.15 -11.47 -42.37
CA LYS B 184 -0.24 -11.08 -42.17
C LYS B 184 -0.89 -12.06 -41.20
N PRO B 185 -1.50 -11.60 -40.09
CA PRO B 185 -2.20 -12.48 -39.15
C PRO B 185 -3.64 -12.82 -39.53
N GLY B 186 -4.05 -14.05 -39.23
CA GLY B 186 -5.42 -14.49 -39.42
C GLY B 186 -6.21 -14.40 -38.12
N LEU B 187 -6.67 -15.56 -37.63
CA LEU B 187 -7.25 -15.68 -36.31
C LEU B 187 -6.15 -15.45 -35.28
N GLN B 188 -6.54 -14.88 -34.13
CA GLN B 188 -5.60 -14.60 -33.05
C GLN B 188 -6.22 -15.01 -31.72
N PHE B 189 -5.34 -15.24 -30.73
CA PHE B 189 -5.72 -15.60 -29.38
C PHE B 189 -4.93 -14.74 -28.40
N ASN B 190 -5.39 -14.68 -27.15
CA ASN B 190 -4.58 -14.12 -26.08
C ASN B 190 -3.85 -15.26 -25.39
N PHE B 191 -2.62 -15.52 -25.83
CA PHE B 191 -1.75 -16.49 -25.19
C PHE B 191 -0.60 -15.78 -24.48
N ARG B 192 -0.77 -14.46 -24.23
CA ARG B 192 0.23 -13.69 -23.51
C ARG B 192 0.35 -14.25 -22.09
N LEU B 193 1.59 -14.33 -21.59
CA LEU B 193 1.87 -14.91 -20.28
C LEU B 193 1.91 -13.80 -19.23
N SER B 194 1.35 -14.10 -18.04
CA SER B 194 1.44 -13.21 -16.91
C SER B 194 2.91 -13.07 -16.47
N PRO B 195 3.48 -11.84 -16.45
CA PRO B 195 4.82 -11.64 -15.92
C PRO B 195 5.08 -12.33 -14.58
N LEU B 196 4.10 -12.24 -13.67
CA LEU B 196 4.20 -12.88 -12.37
C LEU B 196 4.49 -14.37 -12.52
N VAL B 197 3.74 -15.03 -13.41
CA VAL B 197 3.92 -16.44 -13.67
C VAL B 197 5.30 -16.66 -14.28
N GLY B 198 5.68 -15.80 -15.23
CA GLY B 198 6.97 -15.91 -15.91
C GLY B 198 8.13 -15.79 -14.93
N ALA B 199 8.00 -14.89 -13.95
CA ALA B 199 9.05 -14.64 -12.98
C ALA B 199 9.26 -15.85 -12.07
N CYS B 200 8.15 -16.53 -11.72
CA CYS B 200 8.21 -17.70 -10.87
C CYS B 200 8.99 -18.82 -11.56
N ILE B 201 8.74 -19.00 -12.86
CA ILE B 201 9.40 -20.03 -13.63
C ILE B 201 10.87 -19.67 -13.81
N LYS B 202 11.14 -18.39 -14.07
CA LYS B 202 12.51 -17.90 -14.22
C LYS B 202 13.30 -18.21 -12.95
N MET B 203 12.69 -17.96 -11.79
CA MET B 203 13.32 -18.22 -10.50
C MET B 203 13.60 -19.71 -10.37
N ALA B 204 12.57 -20.54 -10.61
CA ALA B 204 12.69 -21.98 -10.49
C ALA B 204 13.87 -22.52 -11.30
N LEU B 205 14.01 -22.01 -12.53
CA LEU B 205 15.10 -22.41 -13.40
C LEU B 205 16.44 -22.03 -12.78
N ILE B 206 16.55 -20.79 -12.30
CA ILE B 206 17.80 -20.27 -11.77
C ILE B 206 18.24 -21.07 -10.54
N LYS B 207 17.26 -21.52 -9.74
CA LYS B 207 17.55 -22.25 -8.51
C LYS B 207 18.05 -23.65 -8.83
N MET B 208 17.58 -24.23 -9.95
CA MET B 208 17.85 -25.63 -10.27
C MET B 208 18.96 -25.74 -11.30
N GLY B 209 20.00 -24.92 -11.18
CA GLY B 209 21.26 -25.16 -11.87
C GLY B 209 21.50 -24.20 -13.02
N LEU B 210 20.46 -23.96 -13.84
CA LEU B 210 20.57 -23.15 -15.04
C LEU B 210 20.97 -21.73 -14.65
N ASN B 211 21.78 -21.09 -15.50
CA ASN B 211 22.23 -19.72 -15.28
C ASN B 211 21.08 -18.76 -15.57
N MET C 1 -9.16 -12.46 5.92
CA MET C 1 -7.96 -11.60 6.12
C MET C 1 -8.33 -10.43 7.03
N LYS C 2 -7.50 -10.20 8.05
CA LYS C 2 -7.72 -9.10 8.98
C LYS C 2 -6.87 -7.92 8.50
N THR C 3 -7.54 -6.85 8.08
CA THR C 3 -6.87 -5.68 7.52
C THR C 3 -7.48 -4.41 8.10
N ASP C 4 -6.66 -3.35 8.17
CA ASP C 4 -7.09 -2.05 8.68
C ASP C 4 -7.60 -1.17 7.53
N PHE C 5 -7.59 -1.71 6.31
CA PHE C 5 -7.91 -0.92 5.12
C PHE C 5 -9.29 -0.28 5.26
N ILE C 6 -9.35 1.03 5.03
CA ILE C 6 -10.58 1.80 5.11
C ILE C 6 -11.34 1.65 3.78
N MET C 7 -12.62 1.26 3.87
CA MET C 7 -13.39 0.89 2.69
C MET C 7 -14.24 2.05 2.19
N VAL C 8 -14.47 3.07 3.02
CA VAL C 8 -15.31 4.20 2.65
C VAL C 8 -14.40 5.41 2.43
N PRO C 9 -14.38 6.02 1.22
CA PRO C 9 -13.57 7.21 0.98
C PRO C 9 -14.23 8.45 1.59
N THR C 10 -13.40 9.41 2.01
CA THR C 10 -13.89 10.64 2.61
C THR C 10 -14.43 11.54 1.49
N ALA C 11 -15.75 11.75 1.50
CA ALA C 11 -16.39 12.61 0.53
C ALA C 11 -15.92 14.05 0.71
N MET C 12 -15.89 14.79 -0.39
CA MET C 12 -15.55 16.21 -0.35
C MET C 12 -16.69 16.93 0.39
N PRO C 13 -16.41 17.62 1.53
CA PRO C 13 -17.46 18.21 2.33
C PRO C 13 -17.99 19.51 1.71
N ASP C 14 -19.29 19.76 1.89
CA ASP C 14 -19.91 20.99 1.41
C ASP C 14 -19.45 22.14 2.30
N GLU C 15 -19.03 23.24 1.67
CA GLU C 15 -18.52 24.39 2.39
C GLU C 15 -19.67 25.11 3.09
N LYS C 16 -20.91 24.71 2.76
CA LYS C 16 -22.10 25.26 3.37
C LYS C 16 -22.32 24.71 4.79
N MET C 17 -21.52 23.70 5.18
CA MET C 17 -21.65 23.09 6.50
C MET C 17 -21.13 24.01 7.60
N ILE C 18 -20.48 25.11 7.21
CA ILE C 18 -20.05 26.13 8.15
C ILE C 18 -21.29 26.75 8.82
N ASN C 19 -22.42 26.79 8.10
CA ASN C 19 -23.64 27.39 8.60
C ASN C 19 -24.54 26.35 9.25
N TYR C 20 -24.08 25.09 9.33
CA TYR C 20 -24.89 23.99 9.84
C TYR C 20 -24.99 24.08 11.36
N GLN C 21 -25.98 23.37 11.90
CA GLN C 21 -26.14 23.18 13.33
C GLN C 21 -25.00 22.30 13.84
N LEU C 22 -24.53 22.59 15.06
CA LEU C 22 -23.49 21.80 15.70
C LEU C 22 -23.99 20.37 15.93
N ALA C 23 -23.05 19.42 15.89
CA ALA C 23 -23.37 18.00 15.99
C ALA C 23 -23.79 17.64 17.42
N ILE C 24 -23.31 18.42 18.38
CA ILE C 24 -23.63 18.23 19.78
C ILE C 24 -25.11 18.58 20.05
N ASP C 25 -25.71 19.40 19.17
CA ASP C 25 -27.11 19.79 19.30
C ASP C 25 -27.94 19.15 18.19
N GLY C 26 -27.59 17.92 17.80
CA GLY C 26 -28.42 17.11 16.91
C GLY C 26 -28.26 17.51 15.45
N GLY C 27 -27.14 18.16 15.11
CA GLY C 27 -26.85 18.55 13.74
C GLY C 27 -26.05 17.47 13.01
N GLU C 28 -25.92 17.62 11.68
CA GLU C 28 -25.10 16.71 10.89
C GLU C 28 -23.63 17.01 11.12
N PRO C 29 -22.82 16.01 11.56
CA PRO C 29 -21.40 16.23 11.79
C PRO C 29 -20.64 16.46 10.48
N VAL C 30 -19.60 17.30 10.52
CA VAL C 30 -18.82 17.63 9.34
C VAL C 30 -18.19 16.35 8.79
N ILE C 31 -17.63 15.53 9.68
CA ILE C 31 -17.05 14.25 9.32
C ILE C 31 -18.01 13.15 9.75
N PRO C 32 -18.59 12.37 8.80
CA PRO C 32 -19.45 11.23 9.17
C PRO C 32 -18.66 10.19 9.97
N LYS C 33 -19.38 9.35 10.72
CA LYS C 33 -18.77 8.38 11.62
C LYS C 33 -17.79 7.47 10.87
N ALA C 34 -18.17 7.06 9.65
CA ALA C 34 -17.39 6.11 8.89
C ALA C 34 -16.04 6.70 8.45
N ASN C 35 -15.94 8.03 8.37
CA ASN C 35 -14.76 8.68 7.83
C ASN C 35 -13.86 9.20 8.95
N ARG C 36 -13.97 8.66 10.17
CA ARG C 36 -13.27 9.20 11.32
C ARG C 36 -11.97 8.46 11.61
N LYS C 37 -11.72 7.34 10.93
CA LYS C 37 -10.52 6.55 11.16
C LYS C 37 -9.39 7.06 10.27
N THR C 38 -8.15 6.94 10.75
CA THR C 38 -6.96 7.22 9.95
C THR C 38 -5.97 6.07 10.13
N ILE C 39 -5.15 5.86 9.10
CA ILE C 39 -4.17 4.78 9.10
C ILE C 39 -2.80 5.35 9.48
N PHE C 40 -2.17 4.75 10.49
CA PHE C 40 -0.79 5.06 10.80
C PHE C 40 -0.16 3.88 11.55
N PRO C 41 1.08 3.48 11.20
CA PRO C 41 1.83 4.08 10.10
C PRO C 41 1.34 3.65 8.72
N ASN C 42 1.94 4.23 7.68
CA ASN C 42 1.58 3.94 6.30
C ASN C 42 2.26 2.66 5.86
N ILE C 43 1.61 1.52 6.09
CA ILE C 43 2.20 0.23 5.80
C ILE C 43 1.87 -0.13 4.34
N ALA C 44 2.92 -0.20 3.51
CA ALA C 44 2.77 -0.46 2.09
C ALA C 44 3.44 -1.79 1.75
N LYS C 45 3.29 -2.19 0.48
CA LYS C 45 3.89 -3.41 -0.05
C LYS C 45 5.40 -3.41 0.18
N GLU C 46 6.02 -2.23 0.06
CA GLU C 46 7.46 -2.09 0.21
C GLU C 46 7.91 -2.60 1.58
N ASP C 47 7.08 -2.38 2.60
CA ASP C 47 7.44 -2.72 3.97
C ASP C 47 7.39 -4.23 4.18
N LEU C 48 6.40 -4.89 3.55
CA LEU C 48 6.29 -6.34 3.62
C LEU C 48 7.47 -6.98 2.89
N PHE C 49 7.81 -6.44 1.72
CA PHE C 49 8.89 -6.99 0.91
C PHE C 49 10.23 -6.80 1.63
N GLN C 50 10.37 -5.68 2.33
CA GLN C 50 11.60 -5.36 3.05
C GLN C 50 11.86 -6.38 4.15
N MET C 51 10.78 -6.90 4.77
CA MET C 51 10.91 -7.93 5.79
C MET C 51 11.47 -9.20 5.16
N MET C 52 11.06 -9.49 3.92
CA MET C 52 11.48 -10.70 3.23
C MET C 52 12.95 -10.58 2.80
N ILE C 53 13.42 -9.35 2.60
CA ILE C 53 14.82 -9.10 2.30
C ILE C 53 15.64 -9.28 3.58
N SER C 54 15.25 -8.56 4.64
CA SER C 54 16.06 -8.40 5.83
C SER C 54 16.14 -9.71 6.63
N VAL C 55 15.11 -10.56 6.53
CA VAL C 55 15.03 -11.79 7.30
C VAL C 55 16.18 -12.72 6.91
N GLN C 56 16.70 -12.55 5.70
CA GLN C 56 17.72 -13.45 5.15
C GLN C 56 19.11 -13.05 5.64
N LYS C 57 19.24 -11.83 6.19
CA LYS C 57 20.54 -11.28 6.56
C LYS C 57 20.73 -11.43 8.07
N PRO C 58 21.99 -11.43 8.58
CA PRO C 58 22.24 -11.39 10.02
C PRO C 58 21.55 -10.20 10.67
N GLU C 59 20.93 -10.42 11.83
CA GLU C 59 20.12 -9.43 12.49
C GLU C 59 20.95 -8.18 12.82
N GLU C 60 22.21 -8.38 13.24
CA GLU C 60 23.06 -7.27 13.65
C GLU C 60 23.41 -6.41 12.44
N MET C 61 23.50 -7.03 11.26
CA MET C 61 23.76 -6.30 10.01
C MET C 61 22.56 -5.43 9.64
N VAL C 62 21.35 -5.97 9.83
CA VAL C 62 20.12 -5.24 9.51
C VAL C 62 20.04 -3.98 10.36
N VAL C 63 20.40 -4.12 11.65
CA VAL C 63 20.37 -3.01 12.60
C VAL C 63 21.45 -1.99 12.23
N SER C 64 22.66 -2.48 11.91
CA SER C 64 23.76 -1.64 11.49
C SER C 64 23.39 -0.87 10.22
N GLU C 65 22.84 -1.60 9.23
CA GLU C 65 22.42 -1.04 7.96
C GLU C 65 21.49 0.14 8.20
N PHE C 66 20.49 -0.05 9.07
CA PHE C 66 19.51 0.98 9.36
C PHE C 66 20.20 2.18 10.00
N ALA C 67 20.98 1.91 11.07
CA ALA C 67 21.61 2.95 11.86
C ALA C 67 22.38 3.91 10.95
N GLU C 68 23.21 3.35 10.07
CA GLU C 68 24.02 4.14 9.16
C GLU C 68 23.12 4.92 8.20
N LYS C 69 22.15 4.23 7.60
CA LYS C 69 21.28 4.83 6.61
C LYS C 69 20.62 6.09 7.17
N TYR C 70 20.01 5.97 8.36
CA TYR C 70 19.29 7.07 8.97
C TYR C 70 20.27 8.15 9.44
N ARG C 71 21.45 7.72 9.91
CA ARG C 71 22.47 8.64 10.40
C ARG C 71 22.89 9.60 9.28
N GLN C 72 23.22 9.03 8.12
CA GLN C 72 23.66 9.81 6.96
C GLN C 72 22.63 10.88 6.60
N ARG C 73 21.34 10.51 6.63
CA ARG C 73 20.26 11.41 6.28
C ARG C 73 20.18 12.55 7.28
N VAL C 74 20.23 12.20 8.58
CA VAL C 74 20.11 13.18 9.66
C VAL C 74 21.33 14.10 9.66
N GLY C 75 22.50 13.54 9.36
CA GLY C 75 23.74 14.29 9.31
C GLY C 75 24.44 14.33 10.67
N ALA C 76 24.30 13.24 11.44
CA ALA C 76 24.95 13.11 12.73
C ALA C 76 26.27 12.35 12.54
N PRO C 77 27.39 12.82 13.14
CA PRO C 77 28.67 12.11 13.05
C PRO C 77 28.64 10.65 13.49
N TYR C 78 27.98 10.37 14.62
CA TYR C 78 27.95 9.03 15.20
C TYR C 78 26.54 8.72 15.68
N ALA C 79 26.20 7.42 15.72
CA ALA C 79 24.88 6.99 16.13
C ALA C 79 24.91 5.59 16.72
N ILE C 80 24.05 5.35 17.72
CA ILE C 80 23.85 4.04 18.32
C ILE C 80 22.37 3.68 18.19
N PRO C 81 22.03 2.53 17.57
CA PRO C 81 20.65 2.05 17.54
C PRO C 81 20.30 1.44 18.90
N THR C 82 19.03 1.61 19.32
CA THR C 82 18.62 1.15 20.62
C THR C 82 17.16 0.67 20.58
N ALA C 83 16.73 0.04 21.68
CA ALA C 83 15.44 -0.63 21.76
C ALA C 83 14.29 0.38 21.95
N SER C 84 14.64 1.62 22.31
CA SER C 84 13.63 2.60 22.67
C SER C 84 14.22 4.01 22.64
N GLY C 85 13.33 5.01 22.60
CA GLY C 85 13.70 6.40 22.75
C GLY C 85 14.24 6.69 24.15
N THR C 86 13.65 6.05 25.17
CA THR C 86 14.05 6.26 26.55
C THR C 86 15.51 5.87 26.72
N SER C 87 15.88 4.72 26.14
CA SER C 87 17.23 4.20 26.24
C SER C 87 18.21 5.09 25.48
N SER C 88 17.77 5.65 24.34
CA SER C 88 18.62 6.52 23.55
C SER C 88 18.99 7.76 24.34
N LEU C 89 18.00 8.35 25.03
CA LEU C 89 18.21 9.53 25.84
C LEU C 89 19.14 9.22 27.01
N HIS C 90 18.97 8.04 27.61
CA HIS C 90 19.84 7.58 28.68
C HIS C 90 21.28 7.50 28.17
N LEU C 91 21.47 6.86 27.00
CA LEU C 91 22.79 6.71 26.41
C LEU C 91 23.34 8.06 25.96
N ALA C 92 22.45 8.97 25.54
CA ALA C 92 22.84 10.29 25.10
C ALA C 92 23.41 11.10 26.27
N LEU C 93 22.71 11.07 27.41
CA LEU C 93 23.10 11.81 28.59
C LEU C 93 24.45 11.32 29.10
N VAL C 94 24.57 10.00 29.29
CA VAL C 94 25.79 9.39 29.82
C VAL C 94 26.96 9.67 28.87
N GLY C 95 26.71 9.50 27.57
CA GLY C 95 27.72 9.72 26.54
C GLY C 95 28.25 11.15 26.57
N ALA C 96 27.37 12.12 26.86
CA ALA C 96 27.74 13.53 26.86
C ALA C 96 28.46 13.92 28.15
N GLY C 97 28.60 12.97 29.09
CA GLY C 97 29.43 13.15 30.27
C GLY C 97 28.62 13.50 31.52
N VAL C 98 27.34 13.10 31.54
CA VAL C 98 26.50 13.28 32.72
C VAL C 98 26.78 12.13 33.68
N LYS C 99 27.26 12.48 34.88
CA LYS C 99 27.60 11.50 35.90
C LYS C 99 26.57 11.54 37.02
N ALA C 100 26.66 10.57 37.94
CA ALA C 100 25.72 10.43 39.03
C ALA C 100 25.79 11.65 39.94
N GLY C 101 24.62 12.26 40.21
CA GLY C 101 24.53 13.38 41.13
C GLY C 101 24.37 14.72 40.41
N ASP C 102 24.74 14.74 39.12
CA ASP C 102 24.62 15.94 38.30
C ASP C 102 23.15 16.32 38.18
N GLU C 103 22.90 17.63 38.01
CA GLU C 103 21.57 18.14 37.74
C GLU C 103 21.41 18.37 36.24
N VAL C 104 20.21 18.09 35.72
CA VAL C 104 19.90 18.27 34.32
C VAL C 104 18.61 19.08 34.23
N ILE C 105 18.68 20.21 33.51
CA ILE C 105 17.54 21.08 33.34
C ILE C 105 16.67 20.49 32.22
N VAL C 106 15.38 20.33 32.53
CA VAL C 106 14.40 19.80 31.59
C VAL C 106 13.13 20.64 31.71
N PRO C 107 12.28 20.67 30.65
CA PRO C 107 10.97 21.30 30.74
C PRO C 107 10.03 20.47 31.63
N ALA C 108 9.14 21.17 32.34
CA ALA C 108 8.14 20.52 33.17
C ALA C 108 7.13 19.81 32.29
N PHE C 109 6.91 20.35 31.09
CA PHE C 109 6.01 19.76 30.11
C PHE C 109 6.80 18.96 29.09
N THR C 110 6.68 17.62 29.20
CA THR C 110 7.15 16.67 28.21
C THR C 110 6.65 15.30 28.63
N PHE C 111 7.01 14.27 27.86
CA PHE C 111 6.66 12.90 28.20
C PHE C 111 7.56 12.44 29.36
N ILE C 112 7.00 11.58 30.20
CA ILE C 112 7.67 11.10 31.41
C ILE C 112 9.07 10.58 31.07
N ALA C 113 9.21 9.92 29.92
CA ALA C 113 10.43 9.22 29.54
C ALA C 113 11.61 10.17 29.43
N THR C 114 11.37 11.45 29.15
CA THR C 114 12.45 12.44 29.10
C THR C 114 13.17 12.44 30.45
N ALA C 115 12.39 12.63 31.52
CA ALA C 115 12.92 12.76 32.87
C ALA C 115 13.42 11.41 33.38
N GLN C 116 12.75 10.32 32.99
CA GLN C 116 13.12 8.98 33.42
C GLN C 116 14.42 8.55 32.77
N ALA C 117 14.84 9.25 31.71
CA ALA C 117 16.15 9.04 31.12
C ALA C 117 17.22 9.68 32.00
N ILE C 118 16.90 10.87 32.54
CA ILE C 118 17.80 11.59 33.44
C ILE C 118 18.02 10.77 34.70
N VAL C 119 16.93 10.23 35.27
CA VAL C 119 16.99 9.46 36.49
C VAL C 119 17.74 8.16 36.23
N ALA C 120 17.57 7.58 35.03
CA ALA C 120 18.29 6.38 34.64
C ALA C 120 19.79 6.65 34.56
N ALA C 121 20.17 7.90 34.24
CA ALA C 121 21.56 8.30 34.20
C ALA C 121 22.06 8.66 35.60
N LYS C 122 21.19 8.50 36.62
CA LYS C 122 21.53 8.73 38.01
C LYS C 122 21.69 10.24 38.26
N ALA C 123 21.01 11.05 37.45
CA ALA C 123 21.06 12.51 37.56
C ALA C 123 19.71 13.02 38.06
N ILE C 124 19.68 14.29 38.46
CA ILE C 124 18.50 14.87 39.10
C ILE C 124 17.83 15.84 38.13
N PRO C 125 16.57 15.60 37.69
CA PRO C 125 15.86 16.53 36.83
C PRO C 125 15.51 17.83 37.55
N VAL C 126 15.86 18.96 36.92
CA VAL C 126 15.50 20.29 37.40
C VAL C 126 14.46 20.84 36.43
N PHE C 127 13.18 20.80 36.84
CA PHE C 127 12.09 21.12 35.94
C PHE C 127 11.98 22.64 35.78
N ALA C 128 11.79 23.07 34.52
CA ALA C 128 11.66 24.48 34.18
C ALA C 128 10.37 24.71 33.39
N ASP C 129 9.97 25.97 33.30
CA ASP C 129 8.75 26.36 32.61
C ASP C 129 9.05 26.50 31.12
N ILE C 130 8.00 26.69 30.32
CA ILE C 130 8.09 26.71 28.87
C ILE C 130 7.63 28.07 28.35
N ASP C 131 8.07 28.40 27.13
CA ASP C 131 7.57 29.55 26.38
C ASP C 131 6.10 29.29 26.06
N PRO C 132 5.20 30.29 26.18
CA PRO C 132 3.76 30.05 25.99
C PRO C 132 3.28 29.85 24.57
N GLN C 133 4.19 29.96 23.59
CA GLN C 133 3.84 29.87 22.18
C GLN C 133 4.52 28.67 21.51
N THR C 134 5.83 28.51 21.75
CA THR C 134 6.59 27.39 21.20
C THR C 134 6.30 26.13 22.01
N TYR C 135 6.08 26.31 23.33
CA TYR C 135 5.77 25.24 24.25
C TYR C 135 7.05 24.46 24.59
N CYS C 136 8.21 25.03 24.26
CA CYS C 136 9.50 24.39 24.53
C CYS C 136 10.15 25.06 25.73
N LEU C 137 11.22 24.43 26.24
CA LEU C 137 11.98 24.93 27.37
C LEU C 137 12.26 26.43 27.18
N ASP C 138 11.86 27.23 28.17
CA ASP C 138 11.99 28.68 28.13
C ASP C 138 13.41 29.07 28.53
N PRO C 139 14.21 29.68 27.62
CA PRO C 139 15.60 30.04 27.95
C PRO C 139 15.76 31.18 28.95
N ARG C 140 14.71 32.00 29.11
CA ARG C 140 14.76 33.19 29.94
C ARG C 140 14.86 32.79 31.41
N GLN C 141 14.24 31.66 31.76
CA GLN C 141 14.18 31.18 33.13
C GLN C 141 15.46 30.46 33.57
N LEU C 142 16.39 30.19 32.65
CA LEU C 142 17.46 29.23 32.89
C LEU C 142 18.48 29.76 33.90
N ASP C 143 18.54 31.09 34.08
CA ASP C 143 19.38 31.69 35.10
C ASP C 143 18.99 31.15 36.47
N LYS C 144 17.68 31.08 36.74
CA LYS C 144 17.16 30.83 38.07
C LYS C 144 17.32 29.35 38.47
N LYS C 145 17.72 28.50 37.52
CA LYS C 145 17.72 27.06 37.73
C LYS C 145 19.13 26.48 37.78
N VAL C 146 20.14 27.30 37.46
CA VAL C 146 21.53 26.82 37.42
C VAL C 146 22.08 26.76 38.84
N THR C 147 22.83 25.68 39.12
CA THR C 147 23.54 25.50 40.37
C THR C 147 24.96 25.03 40.04
N ALA C 148 25.71 24.67 41.09
CA ALA C 148 27.04 24.10 40.92
C ALA C 148 26.94 22.65 40.41
N ARG C 149 25.77 22.03 40.58
CA ARG C 149 25.57 20.64 40.23
C ARG C 149 25.16 20.52 38.75
N THR C 150 24.50 21.56 38.24
CA THR C 150 23.96 21.56 36.89
C THR C 150 25.07 21.22 35.89
N LYS C 151 24.86 20.14 35.13
CA LYS C 151 25.83 19.66 34.17
C LYS C 151 25.33 19.81 32.73
N ALA C 152 24.02 19.66 32.52
CA ALA C 152 23.47 19.68 31.17
C ALA C 152 22.09 20.31 31.12
N VAL C 153 21.73 20.81 29.92
CA VAL C 153 20.39 21.27 29.61
C VAL C 153 19.82 20.34 28.53
N MET C 154 18.59 19.87 28.76
CA MET C 154 17.96 18.86 27.92
C MET C 154 16.65 19.41 27.37
N PRO C 155 16.67 20.20 26.28
CA PRO C 155 15.43 20.70 25.67
C PRO C 155 14.71 19.65 24.86
N VAL C 156 13.37 19.77 24.80
CA VAL C 156 12.53 18.86 24.04
C VAL C 156 11.96 19.61 22.84
N HIS C 157 12.16 19.04 21.65
CA HIS C 157 11.54 19.54 20.43
C HIS C 157 10.10 19.05 20.39
N VAL C 158 9.28 19.56 21.31
CA VAL C 158 7.98 18.97 21.59
C VAL C 158 7.02 19.31 20.46
N HIS C 159 6.17 18.34 20.10
CA HIS C 159 5.23 18.44 19.00
C HIS C 159 5.92 18.25 17.64
N GLY C 160 7.24 18.47 17.60
CA GLY C 160 7.97 18.47 16.34
C GLY C 160 8.64 19.82 16.06
N LEU C 161 8.26 20.84 16.84
CA LEU C 161 8.83 22.17 16.70
C LEU C 161 10.22 22.20 17.32
N PRO C 162 11.28 22.58 16.56
CA PRO C 162 12.61 22.76 17.15
C PRO C 162 12.59 23.81 18.25
N ALA C 163 13.22 23.48 19.39
CA ALA C 163 13.33 24.39 20.51
C ALA C 163 14.36 25.47 20.22
N ASP C 164 14.44 26.47 21.10
CA ASP C 164 15.28 27.64 20.89
C ASP C 164 16.74 27.26 21.12
N ILE C 165 17.32 26.54 20.14
CA ILE C 165 18.68 26.04 20.23
C ILE C 165 19.65 27.21 20.36
N ASP C 166 19.46 28.23 19.52
CA ASP C 166 20.33 29.40 19.47
C ASP C 166 20.57 29.93 20.88
N ALA C 167 19.48 30.12 21.63
CA ALA C 167 19.51 30.70 22.96
C ALA C 167 20.09 29.71 23.97
N LEU C 168 19.62 28.45 23.89
CA LEU C 168 19.98 27.43 24.86
C LEU C 168 21.45 27.02 24.68
N ALA C 169 21.94 27.08 23.42
CA ALA C 169 23.32 26.70 23.13
C ALA C 169 24.28 27.73 23.70
N SER C 170 23.89 29.02 23.65
CA SER C 170 24.71 30.09 24.19
C SER C 170 24.83 29.95 25.70
N PHE C 171 23.71 29.63 26.34
CA PHE C 171 23.65 29.45 27.78
C PHE C 171 24.55 28.29 28.21
N CYS C 172 24.57 27.24 27.38
CA CYS C 172 25.32 26.02 27.69
C CYS C 172 26.83 26.28 27.62
N ARG C 173 27.29 26.90 26.52
CA ARG C 173 28.70 27.16 26.35
C ARG C 173 29.18 28.17 27.39
N GLN C 174 28.30 29.09 27.78
CA GLN C 174 28.61 30.12 28.77
C GLN C 174 28.88 29.47 30.13
N HIS C 175 28.02 28.52 30.54
CA HIS C 175 28.12 27.88 31.84
C HIS C 175 28.80 26.51 31.74
N GLN C 176 29.48 26.24 30.60
CA GLN C 176 30.15 24.97 30.37
C GLN C 176 29.22 23.80 30.67
N LEU C 177 28.02 23.84 30.08
CA LEU C 177 27.05 22.76 30.21
C LEU C 177 26.97 22.02 28.88
N ALA C 178 26.50 20.77 28.93
CA ALA C 178 26.25 19.99 27.74
C ALA C 178 24.79 20.14 27.32
N LEU C 179 24.53 20.09 26.01
CA LEU C 179 23.18 20.21 25.47
C LEU C 179 22.76 18.86 24.91
N ILE C 180 21.64 18.34 25.42
CA ILE C 180 21.14 17.02 25.05
C ILE C 180 19.72 17.19 24.52
N GLU C 181 19.52 16.90 23.23
CA GLU C 181 18.22 17.10 22.60
C GLU C 181 17.36 15.86 22.82
N ASP C 182 16.05 16.10 23.00
CA ASP C 182 15.04 15.05 22.87
C ASP C 182 14.27 15.31 21.58
N ALA C 183 14.63 14.55 20.54
CA ALA C 183 14.11 14.76 19.20
C ALA C 183 13.05 13.70 18.87
N SER C 184 12.37 13.20 19.90
CA SER C 184 11.45 12.06 19.75
C SER C 184 10.20 12.46 18.97
N HIS C 185 9.98 13.77 18.78
CA HIS C 185 8.88 14.24 17.96
C HIS C 185 9.39 14.92 16.68
N ALA C 186 10.68 15.26 16.65
CA ALA C 186 11.22 16.16 15.64
C ALA C 186 11.97 15.37 14.56
N HIS C 187 11.30 14.35 14.02
CA HIS C 187 11.81 13.66 12.85
C HIS C 187 11.62 14.59 11.65
N SER C 188 12.74 14.99 11.03
CA SER C 188 12.75 15.80 9.82
C SER C 188 12.59 17.28 10.12
N ALA C 189 12.39 17.66 11.39
CA ALA C 189 12.30 19.06 11.78
C ALA C 189 13.69 19.69 11.70
N THR C 190 13.76 20.95 11.26
CA THR C 190 15.03 21.59 10.98
C THR C 190 15.08 22.98 11.60
N LEU C 191 16.31 23.43 11.87
CA LEU C 191 16.60 24.80 12.27
C LEU C 191 17.82 25.27 11.49
N HIS C 192 17.67 26.36 10.71
CA HIS C 192 18.68 26.85 9.80
C HIS C 192 19.06 25.76 8.79
N GLY C 193 18.07 24.95 8.39
CA GLY C 193 18.26 23.92 7.38
C GLY C 193 19.03 22.70 7.89
N ARG C 194 19.12 22.54 9.22
CA ARG C 194 19.79 21.41 9.82
C ARG C 194 18.79 20.62 10.68
N TYR C 195 18.84 19.29 10.58
CA TYR C 195 17.88 18.42 11.23
C TYR C 195 18.13 18.42 12.74
N CYS C 196 17.02 18.34 13.51
CA CYS C 196 17.08 18.17 14.95
C CYS C 196 17.80 16.85 15.27
N GLY C 197 18.74 16.91 16.22
CA GLY C 197 19.54 15.76 16.61
C GLY C 197 21.02 15.98 16.36
N THR C 198 21.37 17.08 15.66
CA THR C 198 22.75 17.36 15.29
C THR C 198 23.30 18.54 16.10
N PHE C 199 22.43 19.27 16.80
CA PHE C 199 22.82 20.52 17.45
C PHE C 199 23.57 20.23 18.75
N GLY C 200 22.99 19.37 19.59
CA GLY C 200 23.53 19.10 20.91
C GLY C 200 24.78 18.21 20.85
N ASP C 201 25.48 18.14 21.98
CA ASP C 201 26.65 17.27 22.13
C ASP C 201 26.22 15.83 21.94
N ALA C 202 25.00 15.51 22.38
CA ALA C 202 24.34 14.26 22.05
C ALA C 202 22.83 14.50 21.97
N ALA C 203 22.10 13.47 21.52
CA ALA C 203 20.65 13.57 21.42
C ALA C 203 20.04 12.17 21.37
N GLY C 204 18.81 12.05 21.88
CA GLY C 204 18.04 10.82 21.80
C GLY C 204 16.76 11.04 20.99
N GLN C 205 16.26 9.96 20.40
CA GLN C 205 15.13 10.04 19.47
C GLN C 205 14.38 8.71 19.45
N SER C 206 13.12 8.76 19.88
CA SER C 206 12.20 7.64 19.72
C SER C 206 12.00 7.35 18.24
N LEU C 207 11.99 6.05 17.90
CA LEU C 207 11.65 5.61 16.56
C LEU C 207 10.46 4.65 16.67
N MET C 208 9.54 4.96 17.58
CA MET C 208 8.38 4.12 17.84
C MET C 208 7.39 4.29 16.69
N ALA C 209 6.43 3.37 16.61
CA ALA C 209 5.52 3.29 15.47
C ALA C 209 4.50 4.42 15.48
N ASP C 210 4.51 5.27 16.52
CA ASP C 210 3.58 6.40 16.60
C ASP C 210 4.29 7.71 16.27
N LYS C 211 5.49 7.61 15.67
CA LYS C 211 6.27 8.78 15.31
C LYS C 211 6.26 8.96 13.79
N ASN C 212 6.49 10.21 13.35
CA ASN C 212 6.41 10.58 11.94
C ASN C 212 7.26 9.64 11.09
N PHE C 213 8.47 9.33 11.59
CA PHE C 213 9.30 8.28 11.01
C PHE C 213 9.21 7.05 11.91
N PRO C 214 8.33 6.07 11.58
CA PRO C 214 8.12 4.90 12.43
C PRO C 214 8.95 3.67 12.08
N LEU C 215 9.42 2.95 13.10
CA LEU C 215 9.97 1.62 12.93
C LEU C 215 8.92 0.60 13.39
N GLY C 216 9.24 -0.69 13.26
CA GLY C 216 8.26 -1.76 13.42
C GLY C 216 8.01 -2.10 14.88
N GLY C 217 7.43 -1.15 15.61
CA GLY C 217 7.12 -1.31 17.02
C GLY C 217 7.95 -0.36 17.88
N GLU C 218 8.74 -0.92 18.80
CA GLU C 218 9.55 -0.14 19.72
C GLU C 218 10.96 -0.05 19.17
N ALA C 219 11.55 1.16 19.24
CA ALA C 219 12.89 1.40 18.76
C ALA C 219 13.28 2.86 19.04
N GLY C 220 14.58 3.14 18.98
CA GLY C 220 15.09 4.48 19.12
C GLY C 220 16.53 4.58 18.62
N ILE C 221 17.09 5.79 18.66
CA ILE C 221 18.45 6.01 18.20
C ILE C 221 19.06 7.19 18.97
N ALA C 222 20.35 7.04 19.29
CA ALA C 222 21.11 8.07 19.97
C ALA C 222 22.12 8.66 19.00
N PHE C 223 22.21 9.99 18.96
CA PHE C 223 23.18 10.70 18.13
C PHE C 223 24.20 11.39 19.04
N PHE C 224 25.45 11.45 18.57
CA PHE C 224 26.55 12.08 19.29
C PHE C 224 27.34 12.95 18.31
N LYS C 225 27.81 14.11 18.79
CA LYS C 225 28.58 15.01 17.96
C LYS C 225 30.02 14.50 17.85
N GLU C 226 30.69 14.30 19.00
CA GLU C 226 32.09 13.89 19.00
C GLU C 226 32.20 12.42 19.38
N ARG C 227 33.33 11.81 18.99
CA ARG C 227 33.54 10.38 19.16
C ARG C 227 33.77 10.04 20.62
N GLU C 228 34.33 10.98 21.39
CA GLU C 228 34.53 10.85 22.82
C GLU C 228 33.22 10.42 23.50
N SER C 229 32.13 11.06 23.07
CA SER C 229 30.81 10.82 23.64
C SER C 229 30.31 9.44 23.24
N TYR C 230 30.44 9.13 21.94
CA TYR C 230 30.00 7.86 21.38
C TYR C 230 30.71 6.70 22.08
N ASP C 231 32.00 6.87 22.39
CA ASP C 231 32.81 5.83 22.99
C ASP C 231 32.40 5.61 24.44
N ARG C 232 32.10 6.70 25.15
CA ARG C 232 31.71 6.63 26.55
C ARG C 232 30.39 5.88 26.68
N ALA C 233 29.44 6.18 25.77
CA ALA C 233 28.14 5.54 25.76
C ALA C 233 28.28 4.05 25.47
N LEU C 234 29.20 3.69 24.57
CA LEU C 234 29.50 2.30 24.27
C LEU C 234 30.13 1.64 25.49
N ALA C 235 31.02 2.37 26.16
CA ALA C 235 31.71 1.87 27.33
C ALA C 235 30.73 1.66 28.48
N PHE C 236 29.70 2.50 28.56
CA PHE C 236 28.67 2.38 29.58
C PHE C 236 27.90 1.08 29.40
N LEU C 237 27.58 0.73 28.16
CA LEU C 237 26.84 -0.49 27.86
C LEU C 237 27.65 -1.71 28.31
N GLU C 238 28.98 -1.64 28.15
CA GLU C 238 29.87 -2.71 28.57
C GLU C 238 29.84 -2.83 30.09
N GLU C 239 29.95 -1.69 30.78
CA GLU C 239 30.07 -1.67 32.23
C GLU C 239 28.72 -1.91 32.91
N SER C 240 27.67 -1.26 32.40
CA SER C 240 26.35 -1.30 33.02
C SER C 240 25.75 -2.70 32.94
N GLY C 241 26.01 -3.40 31.83
CA GLY C 241 25.47 -4.72 31.58
C GLY C 241 24.03 -4.64 31.04
N LEU C 242 23.61 -3.43 30.65
CA LEU C 242 22.28 -3.21 30.10
C LEU C 242 22.26 -3.67 28.64
N ASP C 243 21.19 -4.38 28.26
CA ASP C 243 20.95 -4.76 26.88
C ASP C 243 19.91 -3.82 26.29
N TYR C 244 20.38 -2.81 25.56
CA TYR C 244 19.53 -1.81 24.94
C TYR C 244 19.53 -1.99 23.42
N ARG C 245 19.68 -3.23 22.93
CA ARG C 245 19.84 -3.46 21.50
C ARG C 245 18.50 -3.42 20.79
N MET C 246 18.55 -3.06 19.50
CA MET C 246 17.36 -2.92 18.67
C MET C 246 17.04 -4.26 18.01
N SER C 247 15.76 -4.46 17.68
CA SER C 247 15.31 -5.62 16.93
C SER C 247 15.49 -5.37 15.43
N TRP C 248 15.97 -6.38 14.71
CA TRP C 248 16.12 -6.27 13.27
C TRP C 248 14.74 -6.05 12.64
N VAL C 249 13.72 -6.72 13.18
CA VAL C 249 12.36 -6.59 12.69
C VAL C 249 11.98 -5.11 12.70
N ALA C 250 12.28 -4.42 13.80
CA ALA C 250 11.96 -3.01 13.95
C ALA C 250 12.76 -2.19 12.95
N ALA C 251 14.05 -2.51 12.81
CA ALA C 251 14.96 -1.79 11.94
C ALA C 251 14.54 -1.95 10.48
N ALA C 252 14.16 -3.18 10.10
CA ALA C 252 13.74 -3.48 8.74
C ALA C 252 12.63 -2.53 8.29
N PHE C 253 11.65 -2.32 9.15
CA PHE C 253 10.52 -1.44 8.86
C PHE C 253 11.04 -0.02 8.64
N GLY C 254 12.05 0.37 9.42
CA GLY C 254 12.66 1.69 9.30
C GLY C 254 13.34 1.87 7.94
N ILE C 255 14.03 0.82 7.47
CA ILE C 255 14.79 0.89 6.23
C ILE C 255 13.86 1.23 5.07
N SER C 256 12.72 0.54 4.99
CA SER C 256 11.77 0.76 3.92
C SER C 256 11.04 2.08 4.09
N GLN C 257 10.71 2.42 5.35
CA GLN C 257 9.96 3.63 5.67
C GLN C 257 10.77 4.87 5.29
N LEU C 258 12.10 4.80 5.44
CA LEU C 258 12.96 5.95 5.23
C LEU C 258 13.00 6.32 3.74
N ASP C 259 12.81 5.33 2.87
CA ASP C 259 12.78 5.55 1.43
C ASP C 259 11.59 6.42 1.04
N ARG C 260 10.53 6.43 1.86
CA ARG C 260 9.29 7.11 1.50
C ARG C 260 8.97 8.22 2.51
N LEU C 261 9.93 8.59 3.36
CA LEU C 261 9.67 9.55 4.43
C LEU C 261 9.39 10.93 3.85
N ASP C 262 10.24 11.37 2.90
CA ASP C 262 10.15 12.71 2.33
C ASP C 262 8.78 12.93 1.70
N TYR C 263 8.26 11.88 1.04
CA TYR C 263 6.94 11.97 0.42
C TYR C 263 5.89 12.30 1.48
N TYR C 264 5.85 11.50 2.56
CA TYR C 264 4.87 11.67 3.61
C TYR C 264 5.04 13.01 4.29
N ASP C 265 6.29 13.42 4.54
CA ASP C 265 6.61 14.68 5.20
C ASP C 265 6.04 15.86 4.42
N GLU C 266 6.11 15.78 3.08
CA GLU C 266 5.67 16.88 2.22
C GLU C 266 4.17 17.08 2.36
N ILE C 267 3.40 15.99 2.34
CA ILE C 267 1.95 16.07 2.55
C ILE C 267 1.69 16.64 3.94
N ARG C 268 2.49 16.19 4.92
CA ARG C 268 2.33 16.58 6.31
C ARG C 268 2.53 18.09 6.45
N GLN C 269 3.56 18.62 5.77
CA GLN C 269 3.90 20.04 5.82
C GLN C 269 2.79 20.89 5.19
N ARG C 270 2.36 20.51 3.97
CA ARG C 270 1.41 21.29 3.20
C ARG C 270 0.05 21.28 3.90
N ASN C 271 -0.32 20.13 4.48
CA ASN C 271 -1.56 20.00 5.21
C ASN C 271 -1.57 20.92 6.44
N ALA C 272 -0.48 20.90 7.21
CA ALA C 272 -0.39 21.67 8.43
C ALA C 272 -0.38 23.16 8.13
N GLN C 273 0.40 23.56 7.12
CA GLN C 273 0.58 24.96 6.78
C GLN C 273 -0.75 25.56 6.33
N ARG C 274 -1.53 24.76 5.59
CA ARG C 274 -2.85 25.18 5.12
C ARG C 274 -3.77 25.42 6.31
N LEU C 275 -3.69 24.53 7.31
CA LEU C 275 -4.58 24.59 8.47
C LEU C 275 -4.21 25.79 9.34
N ILE C 276 -2.91 26.06 9.47
CA ILE C 276 -2.45 27.25 10.17
C ILE C 276 -3.10 28.48 9.52
N ASP C 277 -2.90 28.63 8.20
CA ASP C 277 -3.36 29.78 7.45
C ASP C 277 -4.87 29.97 7.61
N GLU C 278 -5.63 28.87 7.64
CA GLU C 278 -7.08 28.92 7.73
C GLU C 278 -7.51 29.28 9.16
N LEU C 279 -6.77 28.79 10.16
CA LEU C 279 -7.09 29.06 11.55
C LEU C 279 -6.72 30.51 11.91
N ALA C 280 -5.82 31.11 11.11
CA ALA C 280 -5.45 32.51 11.29
C ALA C 280 -6.62 33.44 11.00
N THR C 281 -7.58 32.99 10.18
CA THR C 281 -8.73 33.79 9.81
C THR C 281 -9.82 33.67 10.88
N THR C 282 -9.75 32.61 11.71
CA THR C 282 -10.75 32.36 12.73
C THR C 282 -10.47 33.23 13.94
N ARG C 283 -11.55 33.62 14.63
CA ARG C 283 -11.46 34.47 15.81
C ARG C 283 -11.15 33.62 17.04
N LEU C 284 -11.51 32.32 16.99
CA LEU C 284 -11.51 31.46 18.17
C LEU C 284 -10.24 30.61 18.25
N PHE C 285 -9.62 30.30 17.10
CA PHE C 285 -8.54 29.33 17.06
C PHE C 285 -7.27 29.96 16.49
N THR C 286 -6.12 29.37 16.84
CA THR C 286 -4.83 29.78 16.33
C THR C 286 -3.90 28.56 16.30
N GLY C 287 -3.25 28.34 15.16
CA GLY C 287 -2.36 27.21 14.98
C GLY C 287 -1.01 27.48 15.65
N PRO C 288 -0.08 26.49 15.66
CA PRO C 288 1.22 26.65 16.32
C PRO C 288 2.08 27.75 15.69
N MET C 289 2.75 28.52 16.57
CA MET C 289 3.67 29.56 16.14
C MET C 289 5.00 28.90 15.78
N ILE C 290 5.62 29.38 14.70
CA ILE C 290 6.85 28.78 14.17
C ILE C 290 7.86 29.89 13.94
N PRO C 291 9.02 29.89 14.64
CA PRO C 291 10.14 30.78 14.31
C PRO C 291 10.56 30.68 12.85
N ALA C 292 11.20 31.75 12.35
CA ALA C 292 11.46 31.92 10.93
C ALA C 292 12.38 30.81 10.40
N ALA C 293 13.42 30.48 11.17
CA ALA C 293 14.44 29.54 10.74
C ALA C 293 14.01 28.09 10.96
N ALA C 294 12.86 27.89 11.63
CA ALA C 294 12.45 26.56 12.08
C ALA C 294 11.48 25.94 11.06
N LYS C 295 11.50 24.60 11.01
CA LYS C 295 10.51 23.82 10.27
C LYS C 295 9.89 22.77 11.20
N HIS C 296 8.57 22.83 11.33
CA HIS C 296 7.81 21.99 12.25
C HIS C 296 7.54 20.65 11.58
N SER C 297 7.71 19.54 12.32
CA SER C 297 7.47 18.21 11.78
C SER C 297 5.98 17.85 11.89
N PHE C 298 5.28 18.51 12.82
CA PHE C 298 3.85 18.38 13.00
C PHE C 298 3.50 16.95 13.39
N ASN C 299 4.26 16.40 14.35
CA ASN C 299 3.91 15.15 15.00
C ASN C 299 2.61 15.36 15.77
N MET C 300 2.47 16.55 16.36
CA MET C 300 1.25 16.97 17.03
C MET C 300 0.96 18.42 16.66
N PHE C 301 -0.33 18.74 16.51
CA PHE C 301 -0.77 20.07 16.12
C PHE C 301 -1.55 20.68 17.29
N ARG C 302 -0.92 21.61 18.00
CA ARG C 302 -1.52 22.22 19.18
C ARG C 302 -2.18 23.54 18.80
N ILE C 303 -3.49 23.65 19.07
CA ILE C 303 -4.29 24.81 18.71
C ILE C 303 -4.58 25.62 19.98
N LYS C 304 -4.31 26.93 19.92
CA LYS C 304 -4.60 27.83 21.02
C LYS C 304 -6.05 28.28 20.95
N ILE C 305 -6.71 28.32 22.10
CA ILE C 305 -8.06 28.86 22.21
C ILE C 305 -7.96 30.28 22.74
N ASN C 306 -8.69 31.21 22.10
CA ASN C 306 -8.79 32.57 22.58
C ASN C 306 -9.86 32.59 23.67
N THR C 307 -9.41 32.38 24.92
CA THR C 307 -10.30 32.34 26.06
C THR C 307 -10.70 33.76 26.47
N ALA C 308 -10.02 34.77 25.89
CA ALA C 308 -10.23 36.16 26.25
C ALA C 308 -11.25 36.84 25.32
N LEU C 309 -12.02 36.05 24.55
CA LEU C 309 -13.10 36.60 23.74
C LEU C 309 -14.19 37.11 24.68
N PRO C 310 -14.90 38.20 24.32
CA PRO C 310 -15.91 38.79 25.19
C PRO C 310 -17.02 37.83 25.62
N GLU C 311 -17.42 36.93 24.72
CA GLU C 311 -18.51 35.99 25.01
C GLU C 311 -18.11 35.07 26.17
N PHE C 312 -16.80 34.85 26.35
CA PHE C 312 -16.29 34.02 27.43
C PHE C 312 -15.79 34.90 28.58
N LYS C 313 -16.70 35.66 29.19
CA LYS C 313 -16.30 36.66 30.18
C LYS C 313 -15.95 35.99 31.50
N ASP C 314 -16.97 35.50 32.21
CA ASP C 314 -16.78 34.92 33.53
C ASP C 314 -16.82 33.39 33.41
N ILE C 315 -16.22 32.87 32.33
CA ILE C 315 -16.11 31.44 32.11
C ILE C 315 -14.65 31.04 32.26
N PRO C 316 -14.32 30.07 33.15
CA PRO C 316 -12.94 29.64 33.33
C PRO C 316 -12.45 28.86 32.10
N GLU C 317 -11.15 28.96 31.84
CA GLU C 317 -10.56 28.51 30.58
C GLU C 317 -10.81 27.01 30.38
N TYR C 318 -10.74 26.25 31.48
CA TYR C 318 -10.79 24.79 31.39
C TYR C 318 -12.17 24.36 30.89
N LYS C 319 -13.22 25.13 31.23
CA LYS C 319 -14.57 24.81 30.81
C LYS C 319 -14.73 25.07 29.31
N LEU C 320 -14.06 26.11 28.81
CA LEU C 320 -14.06 26.42 27.38
C LEU C 320 -13.40 25.27 26.61
N LYS C 321 -12.23 24.85 27.10
CA LYS C 321 -11.47 23.77 26.51
C LYS C 321 -12.31 22.50 26.45
N LEU C 322 -12.95 22.16 27.58
CA LEU C 322 -13.72 20.94 27.69
C LEU C 322 -14.93 20.98 26.76
N ALA C 323 -15.59 22.14 26.67
CA ALA C 323 -16.74 22.31 25.80
C ALA C 323 -16.33 22.16 24.34
N LEU C 324 -15.25 22.86 23.96
CA LEU C 324 -14.74 22.81 22.60
C LEU C 324 -14.34 21.38 22.24
N GLN C 325 -13.80 20.64 23.21
CA GLN C 325 -13.37 19.27 22.99
C GLN C 325 -14.59 18.41 22.64
N GLN C 326 -15.68 18.57 23.40
CA GLN C 326 -16.90 17.82 23.18
C GLN C 326 -17.54 18.20 21.84
N ILE C 327 -17.50 19.50 21.52
CA ILE C 327 -18.12 20.02 20.31
C ILE C 327 -17.38 19.47 19.09
N LEU C 328 -16.05 19.58 19.09
CA LEU C 328 -15.22 19.16 17.97
C LEU C 328 -15.30 17.65 17.78
N ASN C 329 -15.30 16.90 18.88
CA ASN C 329 -15.31 15.44 18.84
C ASN C 329 -16.63 14.94 18.26
N GLU C 330 -17.72 15.68 18.49
CA GLU C 330 -19.02 15.34 17.94
C GLU C 330 -19.06 15.61 16.43
N GLU C 331 -18.26 16.58 15.97
CA GLU C 331 -18.15 16.90 14.55
C GLU C 331 -17.29 15.88 13.82
N GLY C 332 -16.37 15.23 14.55
CA GLY C 332 -15.54 14.16 14.01
C GLY C 332 -14.05 14.44 14.12
N VAL C 333 -13.68 15.65 14.56
CA VAL C 333 -12.28 15.98 14.81
C VAL C 333 -11.97 15.62 16.26
N PHE C 334 -11.16 14.56 16.44
CA PHE C 334 -10.87 14.02 17.76
C PHE C 334 -9.71 14.81 18.38
N ALA C 335 -10.00 16.04 18.81
CA ALA C 335 -9.05 16.87 19.51
C ALA C 335 -8.99 16.43 20.98
N ARG C 336 -7.78 16.45 21.56
CA ARG C 336 -7.57 15.93 22.89
C ARG C 336 -6.36 16.62 23.53
N GLU C 337 -5.93 16.10 24.69
CA GLU C 337 -4.72 16.56 25.36
C GLU C 337 -3.61 15.55 25.09
N TRP C 338 -2.36 16.01 25.13
CA TRP C 338 -1.23 15.10 25.11
C TRP C 338 -0.82 14.76 26.54
N GLN C 339 -0.50 15.78 27.33
CA GLN C 339 -0.11 15.62 28.71
C GLN C 339 -1.15 16.30 29.58
N ASN C 340 -1.68 15.57 30.57
CA ASN C 340 -2.69 16.10 31.47
C ASN C 340 -2.03 16.78 32.66
N THR C 341 -0.87 16.25 33.09
CA THR C 341 -0.18 16.72 34.28
C THR C 341 1.28 17.00 33.95
N LEU C 342 1.88 17.98 34.64
CA LEU C 342 3.29 18.30 34.49
C LEU C 342 4.13 17.27 35.25
N LEU C 343 5.32 16.98 34.72
CA LEU C 343 6.15 15.88 35.19
C LEU C 343 6.47 16.02 36.68
N PRO C 344 6.79 17.24 37.19
CA PRO C 344 7.00 17.43 38.63
C PRO C 344 5.96 16.73 39.51
N PHE C 345 4.70 16.72 39.08
CA PHE C 345 3.61 16.24 39.89
C PHE C 345 3.17 14.85 39.46
N HIS C 346 3.97 14.18 38.61
CA HIS C 346 3.79 12.76 38.34
C HIS C 346 4.37 11.97 39.52
N LEU C 347 3.78 10.80 39.79
CA LEU C 347 4.08 10.04 41.00
C LEU C 347 5.58 9.79 41.15
N PRO C 348 6.30 9.35 40.09
CA PRO C 348 7.76 9.16 40.18
C PRO C 348 8.56 10.32 40.77
N PHE C 349 8.09 11.56 40.55
CA PHE C 349 8.79 12.75 41.00
C PHE C 349 8.08 13.37 42.22
N GLN C 350 7.10 12.63 42.77
CA GLN C 350 6.50 12.95 44.04
C GLN C 350 7.07 12.04 45.13
N ASN C 351 7.19 10.74 44.82
CA ASN C 351 7.76 9.76 45.75
C ASN C 351 9.28 9.84 45.75
N LYS C 352 9.87 10.24 44.61
CA LYS C 352 11.31 10.39 44.46
C LYS C 352 12.00 9.12 44.97
N LYS C 353 11.58 7.97 44.44
CA LYS C 353 12.09 6.68 44.87
C LYS C 353 13.29 6.28 44.02
N GLY C 354 13.21 6.55 42.71
CA GLY C 354 14.31 6.27 41.80
C GLY C 354 14.64 4.79 41.74
N PHE C 355 15.92 4.46 41.92
CA PHE C 355 16.38 3.08 41.96
C PHE C 355 15.98 2.43 43.28
N GLY C 356 15.65 3.25 44.27
CA GLY C 356 15.34 2.80 45.62
C GLY C 356 15.96 3.71 46.66
N LYS C 357 15.24 3.95 47.75
CA LYS C 357 15.69 4.82 48.84
C LYS C 357 15.91 6.24 48.33
N GLY C 358 15.34 6.55 47.15
CA GLY C 358 15.54 7.83 46.49
C GLY C 358 16.98 8.03 46.02
N TYR C 359 17.56 7.00 45.38
CA TYR C 359 18.99 6.95 45.12
C TYR C 359 19.45 8.25 44.45
N PRO C 360 18.96 8.61 43.25
CA PRO C 360 19.49 9.79 42.55
C PRO C 360 19.23 11.09 43.32
N PHE C 361 18.07 11.16 43.98
CA PHE C 361 17.53 12.42 44.48
C PHE C 361 18.26 12.88 45.74
N PHE C 362 18.69 11.94 46.58
CA PHE C 362 19.30 12.28 47.86
C PHE C 362 20.73 12.78 47.64
N LEU C 363 21.23 12.73 46.39
CA LEU C 363 22.56 13.22 46.05
C LEU C 363 22.62 14.74 46.00
N GLY C 364 21.47 15.41 46.06
CA GLY C 364 21.39 16.86 45.86
C GLY C 364 20.25 17.47 46.66
N ASP C 365 20.36 18.78 46.96
CA ASP C 365 19.36 19.48 47.75
C ASP C 365 18.01 19.43 47.03
N SER C 366 17.07 18.67 47.60
CA SER C 366 15.76 18.48 46.99
C SER C 366 14.96 19.77 47.05
N GLN C 367 14.24 20.08 45.97
CA GLN C 367 13.32 21.21 45.93
C GLN C 367 11.89 20.67 45.91
N GLU C 368 11.01 21.32 46.67
CA GLU C 368 9.58 21.03 46.65
C GLU C 368 8.92 21.89 45.58
N TYR C 369 8.52 21.24 44.48
CA TYR C 369 7.94 21.93 43.34
C TYR C 369 6.48 22.28 43.63
N LYS C 370 6.04 23.43 43.09
CA LYS C 370 4.67 23.87 43.26
C LYS C 370 4.17 24.44 41.94
N HIS C 371 2.84 24.44 41.76
CA HIS C 371 2.20 24.78 40.50
C HIS C 371 2.54 26.21 40.08
N GLU C 372 2.72 27.10 41.05
CA GLU C 372 3.03 28.49 40.80
C GLU C 372 4.40 28.65 40.15
N HIS C 373 5.21 27.60 40.12
CA HIS C 373 6.53 27.64 39.48
C HIS C 373 6.42 27.54 37.97
N PHE C 374 5.31 27.00 37.45
CA PHE C 374 5.16 26.74 36.02
C PHE C 374 3.87 27.35 35.50
N PRO C 375 3.71 28.69 35.53
CA PRO C 375 2.47 29.34 35.07
C PRO C 375 2.17 29.19 33.59
N ASN C 376 3.22 29.22 32.75
CA ASN C 376 3.07 29.15 31.31
C ASN C 376 2.58 27.77 30.88
N ALA C 377 3.21 26.73 31.42
CA ALA C 377 2.87 25.36 31.10
C ALA C 377 1.42 25.05 31.49
N LEU C 378 0.97 25.62 32.61
CA LEU C 378 -0.35 25.35 33.13
C LEU C 378 -1.41 26.10 32.31
N GLN C 379 -1.05 27.27 31.79
CA GLN C 379 -1.93 28.05 30.92
C GLN C 379 -2.20 27.26 29.64
N MET C 380 -1.14 26.64 29.10
CA MET C 380 -1.23 25.84 27.89
C MET C 380 -2.22 24.70 28.10
N LEU C 381 -2.07 23.96 29.20
CA LEU C 381 -2.91 22.79 29.47
C LEU C 381 -4.37 23.20 29.59
N ARG C 382 -4.63 24.45 30.00
CA ARG C 382 -5.98 24.94 30.20
C ARG C 382 -6.59 25.49 28.91
N SER C 383 -5.75 25.95 27.97
CA SER C 383 -6.22 26.77 26.86
C SER C 383 -5.75 26.25 25.50
N THR C 384 -5.43 24.95 25.38
CA THR C 384 -5.03 24.40 24.09
C THR C 384 -5.63 23.00 23.90
N LEU C 385 -5.84 22.65 22.63
CA LEU C 385 -6.23 21.31 22.22
C LEU C 385 -5.20 20.79 21.21
N VAL C 386 -5.11 19.47 21.09
CA VAL C 386 -4.06 18.83 20.30
C VAL C 386 -4.70 17.83 19.33
N LEU C 387 -4.13 17.71 18.12
CA LEU C 387 -4.74 16.85 17.11
C LEU C 387 -4.06 15.48 16.98
N CYS C 388 -2.74 15.40 17.14
CA CYS C 388 -2.04 14.12 17.17
C CYS C 388 -2.13 13.36 15.82
N ARG C 389 -2.91 12.26 15.81
CA ARG C 389 -2.82 11.27 14.75
C ARG C 389 -3.40 11.80 13.45
N GLU C 390 -4.30 12.80 13.57
CA GLU C 390 -5.09 13.30 12.45
C GLU C 390 -4.25 14.15 11.51
N LEU C 391 -3.08 14.63 11.97
CA LEU C 391 -2.17 15.40 11.14
C LEU C 391 -0.77 14.79 11.11
N ARG C 392 -0.55 13.73 11.90
CA ARG C 392 0.64 12.91 11.78
C ARG C 392 0.46 12.01 10.55
N SER C 393 -0.76 11.51 10.36
CA SER C 393 -1.14 10.82 9.15
C SER C 393 -1.20 11.80 7.99
N PRO C 394 -0.56 11.51 6.83
CA PRO C 394 -0.63 12.40 5.67
C PRO C 394 -1.97 12.26 4.97
N VAL C 395 -2.99 12.94 5.52
CA VAL C 395 -4.37 12.73 5.11
C VAL C 395 -4.59 13.37 3.75
N GLU C 396 -5.63 12.89 3.06
CA GLU C 396 -6.00 13.37 1.73
C GLU C 396 -6.66 14.74 1.86
N TYR C 397 -6.83 15.42 0.71
CA TYR C 397 -7.34 16.78 0.66
C TYR C 397 -8.73 16.85 1.26
N GLU C 398 -9.56 15.84 0.98
CA GLU C 398 -10.94 15.82 1.42
C GLU C 398 -11.01 15.83 2.95
N LYS C 399 -10.05 15.15 3.60
CA LYS C 399 -10.02 15.03 5.04
C LYS C 399 -9.52 16.33 5.68
N LEU C 400 -8.45 16.89 5.10
CA LEU C 400 -7.88 18.15 5.59
C LEU C 400 -8.92 19.25 5.51
N HIS C 401 -9.70 19.26 4.42
CA HIS C 401 -10.69 20.29 4.19
C HIS C 401 -11.83 20.11 5.19
N SER C 402 -12.15 18.85 5.52
CA SER C 402 -13.14 18.54 6.54
C SER C 402 -12.75 19.16 7.87
N TYR C 403 -11.46 19.11 8.22
CA TYR C 403 -10.97 19.72 9.45
C TYR C 403 -11.24 21.22 9.41
N ILE C 404 -10.84 21.85 8.30
CA ILE C 404 -10.92 23.30 8.14
C ILE C 404 -12.38 23.76 8.28
N ILE C 405 -13.30 22.99 7.70
CA ILE C 405 -14.72 23.30 7.78
C ILE C 405 -15.17 23.23 9.25
N THR C 406 -14.64 22.25 10.00
CA THR C 406 -15.07 22.00 11.37
C THR C 406 -14.74 23.20 12.25
N PHE C 407 -13.49 23.68 12.18
CA PHE C 407 -13.06 24.80 12.99
C PHE C 407 -13.83 26.06 12.59
N LYS C 408 -14.03 26.26 11.28
CA LYS C 408 -14.75 27.43 10.78
C LYS C 408 -16.23 27.34 11.14
N LYS C 409 -16.75 26.11 11.24
CA LYS C 409 -18.12 25.88 11.68
C LYS C 409 -18.26 26.31 13.15
N VAL C 410 -17.32 25.84 13.98
CA VAL C 410 -17.35 26.13 15.41
C VAL C 410 -17.09 27.62 15.65
N ASP C 411 -16.26 28.23 14.80
CA ASP C 411 -15.91 29.64 14.94
C ASP C 411 -17.14 30.52 14.72
N LYS C 412 -18.17 30.00 14.04
CA LYS C 412 -19.42 30.72 13.83
C LYS C 412 -20.42 30.46 14.95
N ASN C 413 -20.00 29.72 16.00
CA ASN C 413 -20.88 29.40 17.10
C ASN C 413 -20.19 29.70 18.44
N ILE C 414 -19.48 30.83 18.48
CA ILE C 414 -18.76 31.26 19.68
C ILE C 414 -19.76 31.49 20.82
N GLN C 415 -20.99 31.92 20.48
CA GLN C 415 -22.03 32.14 21.46
C GLN C 415 -22.44 30.81 22.10
N ARG C 416 -22.67 29.78 21.27
CA ARG C 416 -23.09 28.47 21.75
C ARG C 416 -21.95 27.78 22.48
N VAL C 417 -20.71 28.03 22.04
CA VAL C 417 -19.53 27.53 22.75
C VAL C 417 -19.57 28.05 24.18
N ALA C 418 -19.88 29.34 24.32
CA ALA C 418 -19.94 29.99 25.63
C ALA C 418 -21.07 29.41 26.47
N GLU C 419 -22.24 29.19 25.85
CA GLU C 419 -23.41 28.69 26.55
C GLU C 419 -23.14 27.28 27.07
N ILE C 420 -22.47 26.45 26.26
CA ILE C 420 -22.19 25.07 26.62
C ILE C 420 -21.13 25.02 27.71
N ALA C 421 -20.11 25.88 27.59
CA ALA C 421 -19.00 25.92 28.54
C ALA C 421 -19.51 26.30 29.94
N SER C 422 -20.45 27.25 30.00
CA SER C 422 -20.94 27.77 31.27
C SER C 422 -21.80 26.73 31.99
N GLN C 423 -22.31 25.73 31.25
CA GLN C 423 -23.18 24.70 31.81
C GLN C 423 -22.36 23.54 32.40
N ILE C 424 -21.04 23.54 32.18
CA ILE C 424 -20.17 22.47 32.67
C ILE C 424 -19.96 22.65 34.17
N ASP C 425 -20.03 21.54 34.90
CA ASP C 425 -19.86 21.51 36.34
C ASP C 425 -18.40 21.82 36.70
N ASP C 426 -18.20 22.35 37.91
CA ASP C 426 -16.89 22.78 38.37
C ASP C 426 -16.03 21.56 38.69
N VAL C 427 -14.70 21.77 38.72
CA VAL C 427 -13.73 20.73 39.02
C VAL C 427 -12.62 21.36 39.85
N PRO C 428 -12.25 20.78 41.03
CA PRO C 428 -11.21 21.37 41.88
C PRO C 428 -9.80 21.17 41.31
N GLU D 12 11.40 -22.57 4.70
CA GLU D 12 10.42 -23.19 5.63
C GLU D 12 10.28 -22.29 6.85
N GLN D 13 11.39 -22.04 7.55
CA GLN D 13 11.43 -21.05 8.62
C GLN D 13 11.25 -19.66 8.03
N LEU D 14 11.96 -19.39 6.92
CA LEU D 14 11.94 -18.08 6.28
C LEU D 14 10.50 -17.71 5.88
N PHE D 15 9.72 -18.70 5.45
CA PHE D 15 8.35 -18.48 5.03
C PHE D 15 7.48 -18.20 6.25
N GLN D 16 7.60 -19.05 7.28
CA GLN D 16 6.78 -18.95 8.48
C GLN D 16 7.00 -17.60 9.17
N VAL D 17 8.27 -17.15 9.22
CA VAL D 17 8.61 -15.87 9.80
C VAL D 17 7.99 -14.75 8.95
N SER D 18 8.24 -14.80 7.63
CA SER D 18 7.73 -13.80 6.71
C SER D 18 6.20 -13.73 6.78
N PHE D 19 5.55 -14.90 6.91
CA PHE D 19 4.10 -14.98 6.88
C PHE D 19 3.52 -14.24 8.08
N VAL D 20 4.13 -14.45 9.26
CA VAL D 20 3.65 -13.86 10.50
C VAL D 20 3.84 -12.33 10.45
N LEU D 21 5.02 -11.90 9.97
CA LEU D 21 5.32 -10.49 9.84
C LEU D 21 4.36 -9.83 8.85
N ALA D 22 4.02 -10.55 7.78
CA ALA D 22 3.09 -10.06 6.78
C ALA D 22 1.68 -9.92 7.37
N ARG D 23 1.27 -10.94 8.15
CA ARG D 23 -0.06 -10.97 8.74
C ARG D 23 -0.26 -9.78 9.66
N VAL D 24 0.70 -9.57 10.57
CA VAL D 24 0.60 -8.51 11.56
C VAL D 24 0.69 -7.15 10.86
N LEU D 25 1.58 -7.04 9.86
CA LEU D 25 1.73 -5.80 9.11
C LEU D 25 0.43 -5.50 8.35
N THR D 26 -0.24 -6.56 7.87
CA THR D 26 -1.51 -6.39 7.16
C THR D 26 -2.57 -5.91 8.14
N SER D 27 -2.52 -6.40 9.39
CA SER D 27 -3.49 -6.01 10.41
C SER D 27 -3.35 -4.52 10.73
N GLY D 28 -2.12 -4.01 10.67
CA GLY D 28 -1.83 -2.61 10.94
C GLY D 28 -1.70 -2.32 12.44
N ILE D 29 -1.67 -3.39 13.24
CA ILE D 29 -1.59 -3.29 14.70
C ILE D 29 -0.18 -3.68 15.12
N ILE D 30 0.71 -2.69 15.18
CA ILE D 30 2.13 -2.96 15.43
C ILE D 30 2.64 -2.17 16.64
N MET D 31 1.75 -1.50 17.38
CA MET D 31 2.13 -0.79 18.59
C MET D 31 1.84 -1.66 19.81
N SER D 32 2.73 -1.58 20.80
CA SER D 32 2.55 -2.28 22.07
C SER D 32 1.28 -1.80 22.77
N ILE D 33 1.11 -0.47 22.81
CA ILE D 33 0.14 0.18 23.70
C ILE D 33 -1.20 0.35 23.01
N GLU D 34 -1.33 -0.16 21.77
CA GLU D 34 -2.52 0.03 20.97
C GLU D 34 -3.60 -0.96 21.40
N LYS D 35 -4.87 -0.54 21.34
CA LYS D 35 -5.98 -1.43 21.64
C LYS D 35 -6.16 -2.40 20.48
N ASN D 36 -6.62 -3.62 20.80
CA ASN D 36 -6.79 -4.70 19.84
C ASN D 36 -5.45 -5.32 19.47
N GLU D 37 -4.43 -5.13 20.33
CA GLU D 37 -3.16 -5.81 20.18
C GLU D 37 -3.24 -7.10 20.99
N ASN D 38 -3.17 -8.26 20.32
CA ASN D 38 -3.42 -9.54 20.96
C ASN D 38 -2.27 -10.52 20.73
N GLU D 39 -1.13 -10.03 20.24
CA GLU D 39 0.01 -10.89 19.96
C GLU D 39 0.80 -11.13 21.24
N LEU D 40 0.97 -10.08 22.05
CA LEU D 40 1.71 -10.18 23.31
C LEU D 40 0.91 -10.98 24.33
N LYS D 41 -0.41 -10.75 24.37
CA LYS D 41 -1.30 -11.51 25.25
C LYS D 41 -1.29 -12.98 24.85
N GLY D 42 -1.29 -13.25 23.54
CA GLY D 42 -1.23 -14.60 23.02
C GLY D 42 0.06 -15.31 23.43
N LEU D 43 1.18 -14.59 23.31
CA LEU D 43 2.48 -15.10 23.73
C LEU D 43 2.44 -15.46 25.20
N GLU D 44 1.94 -14.53 26.02
CA GLU D 44 1.86 -14.70 27.47
C GLU D 44 1.08 -15.96 27.82
N ASN D 45 -0.11 -16.10 27.22
CA ASN D 45 -1.02 -17.19 27.54
C ASN D 45 -0.35 -18.54 27.33
N ILE D 46 0.36 -18.69 26.21
CA ILE D 46 1.04 -19.93 25.87
C ILE D 46 2.06 -20.25 26.97
N LEU D 47 2.83 -19.25 27.39
CA LEU D 47 3.91 -19.45 28.35
C LEU D 47 3.34 -19.73 29.74
N LYS D 48 2.21 -19.10 30.07
CA LYS D 48 1.53 -19.34 31.34
C LYS D 48 1.01 -20.77 31.41
N LYS D 49 0.49 -21.26 30.29
CA LYS D 49 -0.05 -22.60 30.20
C LYS D 49 1.07 -23.64 30.30
N THR D 50 2.22 -23.34 29.68
CA THR D 50 3.35 -24.26 29.67
C THR D 50 3.96 -24.36 31.06
N SER D 51 4.10 -23.21 31.73
CA SER D 51 4.80 -23.12 33.00
C SER D 51 3.86 -23.42 34.16
N SER D 52 2.54 -23.28 33.92
CA SER D 52 1.52 -23.39 34.95
C SER D 52 1.61 -22.21 35.93
N LYS D 53 2.10 -21.06 35.44
CA LYS D 53 2.18 -19.85 36.23
C LYS D 53 0.96 -18.98 35.92
N GLN D 54 0.62 -18.09 36.85
CA GLN D 54 -0.61 -17.32 36.80
C GLN D 54 -0.35 -15.98 36.11
N TYR D 55 0.88 -15.47 36.21
CA TYR D 55 1.19 -14.13 35.73
C TYR D 55 2.39 -14.18 34.77
N ALA D 56 2.33 -13.32 33.74
CA ALA D 56 3.39 -13.21 32.74
C ALA D 56 3.60 -11.74 32.36
N VAL D 57 4.88 -11.36 32.20
CA VAL D 57 5.25 -10.01 31.83
C VAL D 57 6.34 -10.10 30.74
N THR D 58 6.07 -9.47 29.59
CA THR D 58 6.98 -9.51 28.46
C THR D 58 7.89 -8.27 28.48
N PHE D 59 9.13 -8.46 28.06
CA PHE D 59 10.12 -7.38 28.00
C PHE D 59 10.81 -7.39 26.64
N ASN D 60 11.42 -6.26 26.29
CA ASN D 60 12.19 -6.13 25.06
C ASN D 60 13.67 -6.33 25.34
N SER D 61 13.99 -6.86 26.54
CA SER D 61 15.36 -7.05 26.97
C SER D 61 15.39 -7.96 28.19
N ILE D 62 16.44 -8.76 28.30
CA ILE D 62 16.64 -9.62 29.46
C ILE D 62 16.82 -8.74 30.70
N SER D 63 17.44 -7.57 30.51
CA SER D 63 17.65 -6.61 31.59
C SER D 63 16.31 -6.23 32.23
N GLY D 64 15.28 -6.04 31.40
CA GLY D 64 13.96 -5.67 31.88
C GLY D 64 13.33 -6.76 32.74
N ALA D 65 13.57 -8.03 32.36
CA ALA D 65 13.06 -9.16 33.11
C ALA D 65 13.81 -9.30 34.43
N VAL D 66 15.13 -9.04 34.40
CA VAL D 66 15.96 -9.09 35.58
C VAL D 66 15.52 -8.03 36.58
N ILE D 67 15.42 -6.77 36.11
CA ILE D 67 15.04 -5.65 36.94
C ILE D 67 13.65 -5.91 37.53
N GLY D 68 12.76 -6.47 36.72
CA GLY D 68 11.40 -6.78 37.13
C GLY D 68 11.38 -7.77 38.31
N SER D 69 12.21 -8.82 38.21
CA SER D 69 12.26 -9.85 39.24
C SER D 69 12.86 -9.30 40.53
N LEU D 70 13.83 -8.39 40.41
CA LEU D 70 14.50 -7.81 41.56
C LEU D 70 13.57 -6.83 42.27
N TRP D 71 13.16 -5.78 41.54
CA TRP D 71 12.31 -4.74 42.10
C TRP D 71 10.96 -5.30 42.52
N GLY D 72 10.54 -6.41 41.89
CA GLY D 72 9.29 -7.08 42.24
C GLY D 72 9.32 -7.69 43.64
N GLN D 73 10.54 -8.03 44.11
CA GLN D 73 10.74 -8.59 45.44
C GLN D 73 11.41 -7.55 46.34
N ASP D 74 11.30 -6.27 45.97
CA ASP D 74 11.83 -5.14 46.73
C ASP D 74 13.34 -5.26 46.90
N ILE D 75 14.01 -5.89 45.93
CA ILE D 75 15.46 -5.93 45.90
C ILE D 75 15.93 -4.72 45.09
N VAL D 76 16.09 -3.58 45.77
CA VAL D 76 16.34 -2.30 45.14
C VAL D 76 17.72 -1.81 45.57
N TYR D 77 18.01 -0.54 45.25
CA TYR D 77 19.28 0.08 45.62
C TYR D 77 19.49 -0.03 47.13
N GLY D 78 20.62 -0.63 47.52
CA GLY D 78 21.00 -0.76 48.92
C GLY D 78 20.77 -2.18 49.45
N GLU D 79 19.88 -2.93 48.79
CA GLU D 79 19.57 -4.30 49.20
C GLU D 79 20.57 -5.26 48.59
N ALA D 80 20.41 -6.56 48.88
CA ALA D 80 21.30 -7.59 48.38
C ALA D 80 20.53 -8.87 48.07
N THR D 81 21.16 -9.77 47.33
CA THR D 81 20.59 -11.06 47.00
C THR D 81 21.73 -12.00 46.60
N ASN D 82 21.38 -13.25 46.23
CA ASN D 82 22.38 -14.26 45.91
C ASN D 82 22.69 -14.19 44.42
N GLN D 83 23.99 -14.06 44.09
CA GLN D 83 24.45 -13.83 42.73
C GLN D 83 25.36 -14.97 42.30
N GLN D 84 25.12 -16.17 42.85
CA GLN D 84 26.00 -17.30 42.65
C GLN D 84 25.84 -17.89 41.24
N SER D 85 24.65 -17.69 40.65
CA SER D 85 24.33 -18.29 39.36
C SER D 85 24.21 -17.22 38.27
N LEU D 86 24.82 -16.05 38.48
CA LEU D 86 24.74 -14.97 37.51
C LEU D 86 25.93 -15.04 36.55
N ASP D 87 25.69 -14.66 35.29
CA ASP D 87 26.75 -14.52 34.30
C ASP D 87 27.38 -13.14 34.46
N GLU D 88 28.48 -12.90 33.74
CA GLU D 88 29.28 -11.70 33.92
C GLU D 88 28.45 -10.46 33.63
N GLN D 89 27.49 -10.57 32.70
CA GLN D 89 26.66 -9.45 32.29
C GLN D 89 25.72 -9.04 33.43
N GLN D 90 25.01 -10.03 33.99
CA GLN D 90 24.04 -9.77 35.04
C GLN D 90 24.74 -9.30 36.32
N GLU D 91 25.96 -9.80 36.57
CA GLU D 91 26.77 -9.29 37.68
C GLU D 91 26.87 -7.77 37.59
N LYS D 92 27.16 -7.28 36.38
CA LYS D 92 27.33 -5.86 36.15
C LYS D 92 26.01 -5.11 36.30
N LEU D 93 24.92 -5.71 35.82
CA LEU D 93 23.60 -5.09 35.87
C LEU D 93 23.18 -4.88 37.32
N PHE D 94 23.44 -5.89 38.16
CA PHE D 94 23.12 -5.82 39.58
C PHE D 94 23.92 -4.70 40.23
N LYS D 95 25.22 -4.60 39.87
CA LYS D 95 26.10 -3.57 40.40
C LYS D 95 25.58 -2.18 40.03
N TRP D 96 25.08 -2.05 38.79
CA TRP D 96 24.57 -0.78 38.30
C TRP D 96 23.28 -0.40 39.04
N LEU D 97 22.46 -1.41 39.35
CA LEU D 97 21.22 -1.20 40.10
C LEU D 97 21.54 -0.88 41.56
N GLY D 98 22.74 -1.25 42.01
CA GLY D 98 23.18 -0.97 43.37
C GLY D 98 22.75 -2.09 44.33
N ILE D 99 22.95 -3.34 43.89
CA ILE D 99 22.52 -4.51 44.63
C ILE D 99 23.74 -5.38 44.91
N GLY D 100 23.89 -5.79 46.19
CA GLY D 100 25.06 -6.52 46.65
C GLY D 100 24.81 -8.03 46.66
N HIS D 101 25.84 -8.78 47.10
CA HIS D 101 25.81 -10.23 47.14
C HIS D 101 25.71 -10.72 48.58
N SER D 102 24.97 -11.83 48.78
CA SER D 102 25.00 -12.57 50.03
C SER D 102 24.65 -14.03 49.77
N SER D 103 25.57 -14.93 50.18
CA SER D 103 25.39 -16.36 50.02
C SER D 103 24.27 -16.88 50.92
N LEU D 104 23.96 -16.13 51.98
CA LEU D 104 22.99 -16.53 52.98
C LEU D 104 21.56 -16.36 52.45
N LEU D 105 21.39 -15.48 51.46
CA LEU D 105 20.07 -15.17 50.93
C LEU D 105 19.74 -16.12 49.78
N PRO D 106 18.45 -16.22 49.38
CA PRO D 106 18.07 -17.02 48.21
C PRO D 106 18.44 -16.33 46.89
N GLU D 107 18.39 -17.10 45.80
CA GLU D 107 18.57 -16.55 44.47
C GLU D 107 17.29 -15.83 44.06
N PRO D 108 17.39 -14.69 43.31
CA PRO D 108 16.22 -13.91 42.93
C PRO D 108 15.37 -14.54 41.82
N TYR D 109 16.02 -15.30 40.93
CA TYR D 109 15.34 -15.96 39.83
C TYR D 109 16.17 -17.14 39.34
N THR D 110 15.53 -18.00 38.54
CA THR D 110 16.21 -18.99 37.73
C THR D 110 16.01 -18.62 36.26
N LEU D 111 17.12 -18.34 35.56
CA LEU D 111 17.08 -17.86 34.19
C LEU D 111 17.32 -19.01 33.24
N HIS D 112 16.50 -19.10 32.19
CA HIS D 112 16.63 -20.12 31.15
C HIS D 112 16.79 -19.44 29.79
N ALA D 113 17.98 -19.61 29.19
CA ALA D 113 18.24 -19.11 27.85
C ALA D 113 17.61 -20.04 26.82
N ILE D 114 16.61 -19.53 26.10
CA ILE D 114 15.87 -20.33 25.12
C ILE D 114 16.48 -20.09 23.74
N ASN D 115 16.58 -21.19 22.97
CA ASN D 115 17.05 -21.14 21.59
C ASN D 115 16.29 -22.19 20.79
N TRP D 116 16.69 -22.39 19.52
CA TRP D 116 15.98 -23.29 18.62
C TRP D 116 16.22 -24.75 18.99
N GLY D 117 17.30 -25.02 19.73
CA GLY D 117 17.61 -26.36 20.19
C GLY D 117 16.62 -26.85 21.26
N ASN D 118 16.33 -25.99 22.24
CA ASN D 118 15.66 -26.41 23.47
C ASN D 118 14.22 -25.90 23.54
N ILE D 119 13.77 -25.13 22.54
CA ILE D 119 12.44 -24.54 22.56
C ILE D 119 11.38 -25.64 22.56
N SER D 120 11.68 -26.77 21.89
CA SER D 120 10.75 -27.89 21.80
C SER D 120 10.45 -28.46 23.19
N ASN D 121 11.47 -28.51 24.05
CA ASN D 121 11.37 -29.09 25.37
C ASN D 121 11.29 -27.96 26.40
N LEU D 122 10.21 -27.17 26.33
CA LEU D 122 10.04 -26.02 27.20
C LEU D 122 9.27 -26.41 28.46
N GLN D 123 8.39 -27.42 28.35
CA GLN D 123 7.62 -27.89 29.49
C GLN D 123 8.56 -28.32 30.62
N LYS D 124 9.56 -29.14 30.29
CA LYS D 124 10.49 -29.67 31.28
C LYS D 124 11.28 -28.54 31.92
N ILE D 125 11.63 -27.52 31.13
CA ILE D 125 12.43 -26.40 31.60
C ILE D 125 11.61 -25.53 32.54
N THR D 126 10.35 -25.23 32.17
CA THR D 126 9.54 -24.25 32.87
C THR D 126 8.86 -24.87 34.09
N HIS D 127 8.57 -26.18 34.04
CA HIS D 127 8.06 -26.90 35.20
C HIS D 127 9.16 -27.02 36.26
N GLU D 128 9.23 -26.00 37.13
CA GLU D 128 10.13 -25.95 38.26
C GLU D 128 9.46 -25.12 39.35
N GLU D 129 10.07 -25.07 40.54
CA GLU D 129 9.40 -24.53 41.73
C GLU D 129 10.20 -23.38 42.33
N ALA D 130 10.80 -22.55 41.45
CA ALA D 130 11.40 -21.28 41.86
C ALA D 130 10.31 -20.20 41.91
N HIS D 131 10.61 -19.08 42.57
CA HIS D 131 9.67 -17.99 42.74
C HIS D 131 9.40 -17.25 41.44
N VAL D 132 10.46 -17.15 40.63
CA VAL D 132 10.43 -16.35 39.42
C VAL D 132 11.22 -17.10 38.34
N THR D 133 10.54 -17.43 37.23
CA THR D 133 11.19 -18.02 36.06
C THR D 133 11.38 -16.93 35.01
N LEU D 134 12.63 -16.77 34.54
CA LEU D 134 12.99 -15.81 33.51
C LEU D 134 13.39 -16.56 32.24
N LEU D 135 12.71 -16.25 31.13
CA LEU D 135 13.01 -16.85 29.83
C LEU D 135 13.63 -15.78 28.93
N ASP D 136 14.83 -16.08 28.41
CA ASP D 136 15.52 -15.20 27.47
C ASP D 136 15.38 -15.78 26.07
N PHE D 137 14.63 -15.08 25.21
CA PHE D 137 14.32 -15.56 23.86
C PHE D 137 15.21 -14.91 22.82
N THR D 138 16.21 -14.12 23.25
CA THR D 138 16.99 -13.29 22.35
C THR D 138 17.66 -14.14 21.26
N LYS D 139 18.09 -15.36 21.61
CA LYS D 139 18.85 -16.20 20.72
C LYS D 139 17.94 -16.91 19.71
N LEU D 140 16.64 -16.60 19.70
CA LEU D 140 15.76 -17.05 18.63
C LEU D 140 16.02 -16.22 17.36
N GLY D 141 16.58 -15.02 17.53
CA GLY D 141 17.02 -14.20 16.42
C GLY D 141 15.91 -13.29 15.87
N PHE D 142 14.88 -13.04 16.69
CA PHE D 142 13.82 -12.12 16.32
C PHE D 142 14.04 -10.77 16.99
N GLY D 143 15.15 -10.64 17.73
CA GLY D 143 15.46 -9.43 18.48
C GLY D 143 15.45 -9.71 19.98
N PRO D 144 16.01 -8.80 20.81
CA PRO D 144 16.03 -9.00 22.27
C PRO D 144 14.63 -9.10 22.86
N CYS D 145 14.38 -10.19 23.60
CA CYS D 145 13.09 -10.42 24.23
C CYS D 145 13.26 -11.31 25.46
N ALA D 146 12.46 -11.03 26.49
CA ALA D 146 12.45 -11.84 27.71
C ALA D 146 11.06 -11.82 28.32
N VAL D 147 10.73 -12.91 29.04
CA VAL D 147 9.44 -13.02 29.72
C VAL D 147 9.70 -13.44 31.16
N LEU D 148 8.96 -12.82 32.09
CA LEU D 148 9.01 -13.16 33.51
C LEU D 148 7.72 -13.91 33.85
N LEU D 149 7.87 -15.02 34.58
CA LEU D 149 6.76 -15.88 34.97
C LEU D 149 6.77 -16.08 36.48
N THR D 150 5.60 -15.92 37.11
CA THR D 150 5.46 -16.07 38.54
C THR D 150 3.99 -16.30 38.91
N ASN D 151 3.75 -16.82 40.11
CA ASN D 151 2.43 -16.88 40.70
C ASN D 151 2.23 -15.70 41.65
N ASN D 152 3.30 -14.93 41.86
CA ASN D 152 3.29 -13.79 42.78
C ASN D 152 2.67 -12.59 42.08
N GLU D 153 1.51 -12.14 42.59
CA GLU D 153 0.78 -11.04 41.98
C GLU D 153 1.54 -9.72 42.15
N THR D 154 2.26 -9.58 43.27
CA THR D 154 2.93 -8.34 43.59
C THR D 154 4.16 -8.16 42.69
N ILE D 155 4.84 -9.26 42.36
CA ILE D 155 5.95 -9.24 41.44
C ILE D 155 5.45 -8.80 40.05
N TYR D 156 4.35 -9.42 39.61
CA TYR D 156 3.74 -9.12 38.33
C TYR D 156 3.43 -7.62 38.23
N LYS D 157 2.74 -7.09 39.24
CA LYS D 157 2.26 -5.71 39.22
C LYS D 157 3.44 -4.74 39.21
N LYS D 158 4.50 -5.05 39.98
CA LYS D 158 5.67 -4.20 40.05
C LYS D 158 6.49 -4.30 38.76
N SER D 159 6.47 -5.46 38.11
CA SER D 159 7.18 -5.69 36.87
C SER D 159 6.56 -4.86 35.73
N GLU D 160 5.23 -4.74 35.73
CA GLU D 160 4.52 -3.96 34.74
C GLU D 160 4.72 -2.47 34.98
N ARG D 161 4.70 -2.06 36.26
CA ARG D 161 4.72 -0.65 36.61
C ARG D 161 6.09 -0.04 36.32
N LEU D 162 7.12 -0.90 36.30
CA LEU D 162 8.48 -0.56 35.91
C LEU D 162 8.54 -0.04 34.47
N LYS D 163 7.68 -0.64 33.63
CA LYS D 163 7.59 -0.26 32.23
C LYS D 163 6.72 0.98 32.07
N ILE D 164 7.21 1.96 31.29
CA ILE D 164 6.43 3.10 30.88
C ILE D 164 5.33 2.60 29.94
N PHE D 165 4.07 2.89 30.28
CA PHE D 165 2.92 2.28 29.65
C PHE D 165 2.97 0.77 29.83
N GLY D 166 2.68 0.31 31.05
CA GLY D 166 2.59 -1.10 31.39
C GLY D 166 1.17 -1.50 31.77
N ALA D 167 0.56 -0.72 32.68
CA ALA D 167 -0.85 -0.82 33.00
C ALA D 167 -1.41 0.58 33.27
N PHE D 168 -0.95 1.55 32.48
CA PHE D 168 -1.39 2.94 32.60
C PHE D 168 -2.40 3.23 31.49
N ASP D 169 -3.29 2.26 31.24
CA ASP D 169 -4.21 2.31 30.12
C ASP D 169 -5.41 3.18 30.46
N LEU D 170 -5.62 3.42 31.77
CA LEU D 170 -6.75 4.19 32.27
C LEU D 170 -6.82 5.56 31.56
N GLU D 182 -1.40 3.05 44.46
CA GLU D 182 -1.47 1.60 44.76
C GLU D 182 -0.05 1.01 44.66
N ILE D 183 0.43 0.84 43.42
CA ILE D 183 1.79 0.41 43.15
C ILE D 183 2.59 1.62 42.68
N LYS D 184 3.28 2.27 43.62
CA LYS D 184 3.95 3.54 43.37
C LYS D 184 5.24 3.31 42.58
N PRO D 185 5.38 3.88 41.37
CA PRO D 185 6.57 3.66 40.54
C PRO D 185 7.71 4.65 40.83
N GLY D 186 8.94 4.16 40.77
CA GLY D 186 10.12 5.01 40.91
C GLY D 186 10.69 5.34 39.55
N LEU D 187 11.93 4.90 39.30
CA LEU D 187 12.53 4.95 37.97
C LEU D 187 11.77 4.00 37.05
N GLN D 188 11.70 4.35 35.76
CA GLN D 188 11.03 3.52 34.79
C GLN D 188 11.87 3.44 33.52
N PHE D 189 11.62 2.39 32.72
CA PHE D 189 12.29 2.16 31.46
C PHE D 189 11.23 1.82 30.40
N ASN D 190 11.63 1.93 29.13
CA ASN D 190 10.82 1.37 28.05
C ASN D 190 11.35 -0.02 27.73
N PHE D 191 10.72 -1.03 28.36
CA PHE D 191 11.02 -2.43 28.07
C PHE D 191 9.83 -3.06 27.35
N ARG D 192 8.96 -2.23 26.76
CA ARG D 192 7.83 -2.71 25.99
C ARG D 192 8.35 -3.47 24.77
N LEU D 193 7.70 -4.60 24.44
CA LEU D 193 8.13 -5.45 23.34
C LEU D 193 7.34 -5.08 22.09
N SER D 194 8.02 -5.10 20.94
CA SER D 194 7.40 -4.90 19.65
C SER D 194 6.43 -6.05 19.37
N PRO D 195 5.12 -5.78 19.14
CA PRO D 195 4.18 -6.83 18.74
C PRO D 195 4.70 -7.75 17.64
N LEU D 196 5.33 -7.16 16.62
CA LEU D 196 5.89 -7.93 15.52
C LEU D 196 6.85 -8.99 16.06
N VAL D 197 7.75 -8.58 16.97
CA VAL D 197 8.70 -9.50 17.58
C VAL D 197 7.95 -10.55 18.39
N GLY D 198 6.94 -10.10 19.15
CA GLY D 198 6.15 -11.00 19.97
C GLY D 198 5.44 -12.07 19.14
N ALA D 199 4.93 -11.67 17.97
CA ALA D 199 4.19 -12.58 17.10
C ALA D 199 5.12 -13.67 16.55
N CYS D 200 6.37 -13.29 16.25
CA CYS D 200 7.34 -14.22 15.71
C CYS D 200 7.64 -15.32 16.73
N ILE D 201 7.81 -14.91 18.00
CA ILE D 201 8.12 -15.85 19.06
C ILE D 201 6.90 -16.73 19.33
N LYS D 202 5.70 -16.13 19.31
CA LYS D 202 4.46 -16.87 19.49
C LYS D 202 4.35 -17.97 18.44
N MET D 203 4.67 -17.63 17.18
CA MET D 203 4.65 -18.58 16.08
C MET D 203 5.64 -19.71 16.35
N ALA D 204 6.88 -19.34 16.68
CA ALA D 204 7.95 -20.31 16.93
C ALA D 204 7.50 -21.33 17.97
N LEU D 205 6.88 -20.86 19.06
CA LEU D 205 6.38 -21.72 20.11
C LEU D 205 5.33 -22.68 19.57
N ILE D 206 4.36 -22.14 18.81
CA ILE D 206 3.23 -22.92 18.33
C ILE D 206 3.72 -24.02 17.38
N LYS D 207 4.78 -23.75 16.63
CA LYS D 207 5.30 -24.71 15.66
C LYS D 207 6.01 -25.86 16.38
N MET D 208 6.62 -25.56 17.54
CA MET D 208 7.49 -26.51 18.23
C MET D 208 6.77 -27.13 19.42
N GLY D 209 5.45 -27.34 19.30
CA GLY D 209 4.62 -27.83 20.40
C GLY D 209 3.92 -26.69 21.15
N LEU D 210 3.74 -26.87 22.47
CA LEU D 210 3.27 -25.84 23.37
C LEU D 210 1.93 -25.28 22.90
N ASN D 211 1.04 -26.16 22.41
CA ASN D 211 -0.26 -25.77 21.86
C ASN D 211 -0.39 -24.24 21.82
N1 PMP E . -12.24 -6.86 -25.04
C2 PMP E . -11.96 -5.56 -24.88
C2A PMP E . -13.09 -4.58 -24.98
C3 PMP E . -10.64 -5.15 -24.65
O3 PMP E . -10.34 -3.81 -24.50
C4 PMP E . -9.61 -6.09 -24.56
C4A PMP E . -8.18 -5.64 -24.34
N4A PMP E . -7.52 -6.08 -23.10
C5 PMP E . -9.93 -7.44 -24.75
C6 PMP E . -11.26 -7.76 -24.96
C5A PMP E . -8.91 -8.53 -24.67
O4P PMP E . -9.04 -9.22 -23.39
P PMP E . -7.86 -10.12 -22.81
O1P PMP E . -7.96 -11.43 -23.56
O2P PMP E . -8.12 -10.28 -21.32
O3P PMP E . -6.58 -9.37 -23.12
N1 PMP F . 10.78 11.45 24.79
C2 PMP F . 9.75 12.19 24.38
C2A PMP F . 9.93 13.68 24.30
C3 PMP F . 8.52 11.61 24.05
O3 PMP F . 7.48 12.39 23.64
C4 PMP F . 8.37 10.22 24.13
C4A PMP F . 7.04 9.58 23.78
N4A PMP F . 7.09 8.57 22.71
C5 PMP F . 9.46 9.45 24.55
C6 PMP F . 10.64 10.11 24.87
C5A PMP F . 9.38 7.96 24.69
O4P PMP F . 10.25 7.29 23.73
P PMP F . 10.22 5.68 23.64
O1P PMP F . 10.78 5.33 22.27
O2P PMP F . 8.77 5.29 23.80
O3P PMP F . 11.10 5.20 24.77
#